data_7OR9
#
_entry.id   7OR9
#
_cell.length_a   70.730
_cell.length_b   114.470
_cell.length_c   177.930
_cell.angle_alpha   90.000
_cell.angle_beta   90.000
_cell.angle_gamma   90.000
#
_symmetry.space_group_name_H-M   'P 21 21 21'
#
loop_
_entity.id
_entity.type
_entity.pdbx_description
1 polymer 'Spike protein S1'
2 polymer 'COVOX-222 Fab heavy chain'
3 polymer 'COVOX-222 Fab light chain'
4 polymer 'COVOX-278 Fab heavy chain'
5 polymer 'COVOX-278 Fab light chain'
6 branched 2-acetamido-2-deoxy-beta-D-glucopyranose-(1-4)-[alpha-L-fucopyranose-(1-6)]2-acetamido-2-deoxy-beta-D-glucopyranose
7 non-polymer GLYCEROL
8 non-polymer 'CHLORIDE ION'
9 non-polymer 'TETRAETHYLENE GLYCOL'
10 water water
#
loop_
_entity_poly.entity_id
_entity_poly.type
_entity_poly.pdbx_seq_one_letter_code
_entity_poly.pdbx_strand_id
1 'polypeptide(L)'
;ETGHHHHHHTNLCPFGEVFNATRFASVYAWNRKRISNCVADYSVLYNSASFSTFKCYGVSPTKLNDLCFTNVYADSFVIR
GDEVRQIAPGQTGKIADYNYKLPDDFTGCVIAWNSNNLDSKVGGNYNYLYRLFRKSNLKPFERDISTEIYQAGSTPCNGV
EGFNCYFPLQSYGFQPTNGVGYQPYRVVVLSFELLHAPATVCGKK
;
E
2 'polypeptide(L)'
;EVQLVESGGGLIQPGGSLRLSCAASGLTVSSNYMSWVRQAPGKGLEWVSVIYSGGSTFYADSVKGRFTISRDNSKNTLYL
QMNSLGAEDTAVYYCARGEGSPGNWFDPWGQGTLVTVSSASTKGPSVFPLAPSSKSTSGGTAALGCLVKDYFPEPVTVSW
NSGALTSGVHTFPAVLQSSGLYSLSSVVTVPSSSLGTQTYICNVNHKPSNTKVDKKVEPKSCDK
;
A
3 'polypeptide(L)'
;DVVMTQSPGTLSLSPGERATLSCRASQSVPSSYLAWYQQKPGQAPRLLIYGASTRATGIPDRFSGSGSGTDFTLTISRLE
PEDFAVYYCQHYDTSPRFGGGTKVDIKRTVAAPSVFIFPPSDEQLKSGTASVVCLLNNFYPREAKVQWKVDNALQSGNSQ
ESVTEQDSKDSTYSLSSTLTLSKADYEKHKVYACEVTHQGLSSPVTKSFNRGEC
;
B
4 'polypeptide(L)'
;QVQLVQSGAEVKKPGASVKVSCKASGYIFIRYGISWVRQAPGQGLEWMGWISANNGYTNYAQKLQGRVTMTTDTSTSTAY
MELRSLRSDDTAVYYCARDGGILTGYLDYFDHWGQGTLVTVSSASTKGPSVFPLAPSSKSTSGGTAALGCLVKDYFPEPV
TVSWNSGALTSGVHTFPAVLQSSGLYSLSSVVTVPSSSLGTQTYICNVNHKPSNTKVDKKVEPKSCDK
;
H
5 'polypeptide(L)'
;DIQMTQSPSSLSASVGDRLTITCRASQSIASYLNWYQQKPGKAPKLLIYAASSLQSGVPSRFSGSGSGTDFTLTISSLQP
EDFATYHCQQSYSTLGITFGPGTKVDIKRTVAAPSVFIFPPSDEQLKSGTASVVCLLNNFYPREAKVQWKVDNALQSGNS
QESVTEQDSKDSTYSLSSTLTLSKADYEKHKVYACEVTHQGLSSPVTKSFNRGEC
;
L
#
loop_
_chem_comp.id
_chem_comp.type
_chem_comp.name
_chem_comp.formula
CL non-polymer 'CHLORIDE ION' 'Cl -1'
FUC L-saccharide, alpha linking alpha-L-fucopyranose 'C6 H12 O5'
GOL non-polymer GLYCEROL 'C3 H8 O3'
NAG D-saccharide, beta linking 2-acetamido-2-deoxy-beta-D-glucopyranose 'C8 H15 N O6'
PG4 non-polymer 'TETRAETHYLENE GLYCOL' 'C8 H18 O5'
#
# COMPACT_ATOMS: atom_id res chain seq x y z
N THR A 10 -38.18 -35.83 -10.33
CA THR A 10 -36.74 -35.65 -10.20
C THR A 10 -36.33 -34.26 -10.69
N ASN A 11 -36.03 -33.38 -9.74
CA ASN A 11 -35.67 -32.00 -10.05
C ASN A 11 -34.17 -31.89 -10.35
N LEU A 12 -33.79 -30.73 -10.88
CA LEU A 12 -32.43 -30.51 -11.36
C LEU A 12 -31.48 -30.23 -10.20
N CYS A 13 -30.26 -30.75 -10.31
CA CYS A 13 -29.26 -30.51 -9.29
C CYS A 13 -28.87 -29.03 -9.27
N PRO A 14 -28.65 -28.45 -8.09
CA PRO A 14 -28.39 -26.99 -7.99
C PRO A 14 -26.96 -26.61 -8.37
N PHE A 15 -26.61 -26.84 -9.64
CA PHE A 15 -25.31 -26.42 -10.13
C PHE A 15 -25.25 -24.92 -10.36
N GLY A 16 -26.38 -24.29 -10.69
CA GLY A 16 -26.39 -22.86 -10.92
C GLY A 16 -26.05 -22.07 -9.67
N GLU A 17 -26.42 -22.58 -8.49
CA GLU A 17 -26.11 -21.88 -7.26
C GLU A 17 -24.61 -21.80 -7.02
N VAL A 18 -23.85 -22.78 -7.49
CA VAL A 18 -22.40 -22.78 -7.29
C VAL A 18 -21.71 -21.95 -8.36
N PHE A 19 -21.97 -22.28 -9.64
CA PHE A 19 -21.31 -21.58 -10.73
C PHE A 19 -21.70 -20.11 -10.80
N ASN A 20 -22.92 -19.79 -10.41
CA ASN A 20 -23.38 -18.41 -10.44
C ASN A 20 -23.56 -17.88 -9.01
N ALA A 21 -22.51 -18.00 -8.20
CA ALA A 21 -22.48 -17.29 -6.94
C ALA A 21 -21.98 -15.87 -7.19
N THR A 22 -22.63 -14.90 -6.54
CA THR A 22 -22.19 -13.51 -6.68
C THR A 22 -20.74 -13.35 -6.26
N ARG A 23 -20.39 -13.84 -5.07
CA ARG A 23 -19.04 -13.84 -4.56
C ARG A 23 -18.58 -15.28 -4.38
N PHE A 24 -17.30 -15.54 -4.65
CA PHE A 24 -16.71 -16.84 -4.41
C PHE A 24 -15.92 -16.81 -3.11
N ALA A 25 -15.52 -18.00 -2.67
CA ALA A 25 -14.72 -18.12 -1.45
C ALA A 25 -13.25 -17.93 -1.75
N SER A 26 -12.54 -17.37 -0.78
CA SER A 26 -11.08 -17.45 -0.82
C SER A 26 -10.65 -18.90 -0.82
N VAL A 27 -9.56 -19.19 -1.52
CA VAL A 27 -9.17 -20.59 -1.71
C VAL A 27 -8.86 -21.26 -0.38
N TYR A 28 -8.32 -20.52 0.59
CA TYR A 28 -8.00 -21.13 1.87
C TYR A 28 -9.27 -21.54 2.62
N ALA A 29 -10.36 -20.80 2.42
CA ALA A 29 -11.64 -21.15 3.01
C ALA A 29 -12.62 -21.59 1.92
N TRP A 30 -12.20 -22.54 1.09
CA TRP A 30 -12.99 -22.93 -0.06
C TRP A 30 -14.35 -23.48 0.37
N ASN A 31 -15.37 -23.20 -0.45
CA ASN A 31 -16.72 -23.70 -0.22
C ASN A 31 -16.88 -25.09 -0.79
N ARG A 32 -17.75 -25.87 -0.16
CA ARG A 32 -18.14 -27.19 -0.64
C ARG A 32 -19.65 -27.31 -0.56
N LYS A 33 -20.28 -27.69 -1.66
CA LYS A 33 -21.71 -27.94 -1.70
C LYS A 33 -21.95 -29.42 -1.94
N ARG A 34 -22.66 -30.06 -1.01
CA ARG A 34 -23.07 -31.44 -1.19
C ARG A 34 -24.26 -31.49 -2.12
N ILE A 35 -24.22 -32.43 -3.08
CA ILE A 35 -25.25 -32.55 -4.10
C ILE A 35 -25.72 -33.99 -4.13
N SER A 36 -27.00 -34.21 -3.83
CA SER A 36 -27.56 -35.54 -3.73
C SER A 36 -29.04 -35.50 -4.06
N ASN A 37 -29.59 -36.69 -4.34
CA ASN A 37 -31.03 -36.87 -4.54
C ASN A 37 -31.58 -35.87 -5.56
N CYS A 38 -30.90 -35.76 -6.69
CA CYS A 38 -31.30 -34.85 -7.75
C CYS A 38 -30.83 -35.42 -9.08
N VAL A 39 -31.03 -34.66 -10.16
CA VAL A 39 -30.65 -35.05 -11.50
C VAL A 39 -29.85 -33.89 -12.12
N ALA A 40 -28.60 -34.15 -12.45
CA ALA A 40 -27.70 -33.13 -12.97
C ALA A 40 -27.63 -33.20 -14.49
N ASP A 41 -27.15 -32.10 -15.08
CA ASP A 41 -27.02 -31.98 -16.53
C ASP A 41 -25.63 -31.43 -16.83
N TYR A 42 -24.70 -32.32 -17.18
CA TYR A 42 -23.32 -31.92 -17.45
C TYR A 42 -23.12 -31.44 -18.88
N SER A 43 -24.00 -31.83 -19.81
CA SER A 43 -23.84 -31.42 -21.21
C SER A 43 -23.95 -29.91 -21.36
N VAL A 44 -24.88 -29.29 -20.62
CA VAL A 44 -25.01 -27.84 -20.66
C VAL A 44 -23.77 -27.16 -20.11
N LEU A 45 -23.11 -27.78 -19.12
CA LEU A 45 -21.91 -27.18 -18.54
C LEU A 45 -20.74 -27.18 -19.52
N TYR A 46 -20.72 -28.12 -20.47
CA TYR A 46 -19.64 -28.13 -21.45
C TYR A 46 -19.67 -26.88 -22.32
N ASN A 47 -20.85 -26.44 -22.72
CA ASN A 47 -21.04 -25.20 -23.47
C ASN A 47 -21.81 -24.17 -22.64
N SER A 48 -21.47 -24.06 -21.35
CA SER A 48 -22.17 -23.13 -20.46
C SER A 48 -21.63 -21.71 -20.61
N ALA A 49 -20.34 -21.56 -20.83
CA ALA A 49 -19.74 -20.25 -20.99
C ALA A 49 -18.41 -20.35 -21.74
N SER A 50 -17.44 -19.52 -21.36
CA SER A 50 -16.10 -19.60 -21.92
C SER A 50 -15.15 -20.20 -20.88
N PHE A 51 -15.52 -21.39 -20.42
CA PHE A 51 -14.70 -22.13 -19.47
C PHE A 51 -13.31 -22.37 -20.05
N SER A 52 -12.32 -21.60 -19.56
CA SER A 52 -10.96 -21.73 -20.07
C SER A 52 -10.37 -23.09 -19.74
N THR A 53 -10.67 -23.61 -18.56
CA THR A 53 -10.19 -24.91 -18.13
C THR A 53 -11.38 -25.85 -17.92
N PHE A 54 -11.24 -27.07 -18.44
CA PHE A 54 -12.23 -28.12 -18.20
C PHE A 54 -11.57 -29.47 -18.34
N LYS A 55 -10.89 -29.91 -17.29
CA LYS A 55 -10.14 -31.16 -17.29
C LYS A 55 -10.80 -32.16 -16.35
N CYS A 56 -11.11 -33.35 -16.86
CA CYS A 56 -11.71 -34.41 -16.06
C CYS A 56 -10.68 -35.52 -15.84
N TYR A 57 -10.68 -36.07 -14.64
CA TYR A 57 -9.71 -37.09 -14.24
C TYR A 57 -10.46 -38.34 -13.78
N GLY A 58 -10.06 -39.49 -14.31
CA GLY A 58 -10.68 -40.75 -13.94
C GLY A 58 -12.05 -40.99 -14.52
N VAL A 59 -12.53 -40.11 -15.40
CA VAL A 59 -13.85 -40.25 -16.00
C VAL A 59 -13.87 -39.42 -17.28
N SER A 60 -14.76 -39.78 -18.20
CA SER A 60 -14.82 -39.05 -19.46
C SER A 60 -15.96 -38.04 -19.46
N PRO A 61 -15.72 -36.84 -19.99
CA PRO A 61 -16.78 -35.81 -19.97
C PRO A 61 -18.01 -36.20 -20.76
N THR A 62 -17.85 -36.94 -21.87
CA THR A 62 -19.01 -37.42 -22.60
C THR A 62 -19.77 -38.47 -21.80
N LYS A 63 -19.03 -39.29 -21.05
CA LYS A 63 -19.63 -40.32 -20.20
C LYS A 63 -20.26 -39.74 -18.95
N LEU A 64 -19.94 -38.49 -18.60
CA LEU A 64 -20.52 -37.89 -17.39
C LEU A 64 -22.02 -37.75 -17.49
N ASN A 65 -22.55 -37.54 -18.69
CA ASN A 65 -23.98 -37.35 -18.88
C ASN A 65 -24.76 -38.65 -18.78
N ASP A 66 -24.12 -39.76 -18.45
CA ASP A 66 -24.80 -41.04 -18.28
C ASP A 66 -24.65 -41.62 -16.88
N LEU A 67 -23.45 -41.56 -16.31
CA LEU A 67 -23.17 -42.27 -15.05
C LEU A 67 -23.97 -41.69 -13.89
N CYS A 68 -24.27 -42.55 -12.93
CA CYS A 68 -24.84 -42.15 -11.65
C CYS A 68 -23.78 -42.21 -10.56
N PHE A 69 -24.00 -41.46 -9.49
CA PHE A 69 -23.08 -41.44 -8.37
C PHE A 69 -23.86 -41.30 -7.07
N THR A 70 -23.27 -41.82 -5.99
CA THR A 70 -23.90 -41.71 -4.68
C THR A 70 -23.90 -40.27 -4.18
N ASN A 71 -22.72 -39.67 -4.12
CA ASN A 71 -22.55 -38.28 -3.70
C ASN A 71 -21.73 -37.53 -4.72
N VAL A 72 -22.07 -36.26 -4.93
CA VAL A 72 -21.29 -35.35 -5.76
C VAL A 72 -21.02 -34.09 -4.95
N TYR A 73 -19.76 -33.68 -4.90
CA TYR A 73 -19.36 -32.46 -4.21
C TYR A 73 -18.89 -31.43 -5.23
N ALA A 74 -19.29 -30.18 -5.01
CA ALA A 74 -18.90 -29.06 -5.86
C ALA A 74 -18.13 -28.07 -5.00
N ASP A 75 -16.80 -28.11 -5.10
CA ASP A 75 -15.94 -27.17 -4.38
C ASP A 75 -15.64 -25.98 -5.28
N SER A 76 -15.72 -24.78 -4.71
CA SER A 76 -15.53 -23.56 -5.48
C SER A 76 -14.68 -22.57 -4.70
N PHE A 77 -13.88 -21.79 -5.44
CA PHE A 77 -12.99 -20.79 -4.86
C PHE A 77 -12.38 -19.98 -6.01
N VAL A 78 -11.53 -19.01 -5.65
CA VAL A 78 -10.84 -18.16 -6.60
C VAL A 78 -9.33 -18.27 -6.36
N ILE A 79 -8.56 -18.31 -7.46
CA ILE A 79 -7.10 -18.32 -7.42
C ILE A 79 -6.57 -17.48 -8.57
N ARG A 80 -5.24 -17.32 -8.58
CA ARG A 80 -4.53 -16.66 -9.67
C ARG A 80 -4.58 -17.51 -10.94
N GLY A 81 -4.40 -16.84 -12.07
CA GLY A 81 -4.34 -17.56 -13.33
C GLY A 81 -3.17 -18.52 -13.41
N ASP A 82 -2.00 -18.08 -12.95
CA ASP A 82 -0.82 -18.95 -12.95
C ASP A 82 -0.97 -20.14 -12.01
N GLU A 83 -1.90 -20.08 -11.06
CA GLU A 83 -2.06 -21.14 -10.08
C GLU A 83 -3.09 -22.19 -10.48
N VAL A 84 -3.82 -21.98 -11.58
CA VAL A 84 -4.85 -22.93 -11.99
C VAL A 84 -4.24 -24.30 -12.26
N ARG A 85 -3.00 -24.34 -12.75
CA ARG A 85 -2.35 -25.62 -13.03
C ARG A 85 -2.15 -26.46 -11.78
N GLN A 86 -2.25 -25.86 -10.59
CA GLN A 86 -2.07 -26.61 -9.35
C GLN A 86 -3.33 -27.36 -8.90
N ILE A 87 -4.48 -27.03 -9.46
CA ILE A 87 -5.71 -27.75 -9.11
C ILE A 87 -5.81 -28.99 -9.98
N ALA A 88 -4.93 -29.96 -9.73
CA ALA A 88 -4.86 -31.19 -10.49
C ALA A 88 -4.17 -32.24 -9.63
N PRO A 89 -4.43 -33.52 -9.88
CA PRO A 89 -3.77 -34.56 -9.08
C PRO A 89 -2.25 -34.49 -9.20
N GLY A 90 -1.59 -34.67 -8.06
CA GLY A 90 -0.14 -34.77 -8.05
C GLY A 90 0.61 -33.47 -8.27
N GLN A 91 0.04 -32.34 -7.90
CA GLN A 91 0.69 -31.05 -8.08
C GLN A 91 1.22 -30.52 -6.75
N THR A 92 2.23 -29.65 -6.84
CA THR A 92 2.78 -28.98 -5.68
C THR A 92 2.83 -27.48 -5.95
N GLY A 93 2.92 -26.71 -4.87
CA GLY A 93 2.87 -25.25 -4.93
C GLY A 93 2.10 -24.70 -3.75
N LYS A 94 2.11 -23.38 -3.56
CA LYS A 94 1.42 -22.80 -2.40
C LYS A 94 -0.06 -23.16 -2.38
N ILE A 95 -0.68 -23.33 -3.53
CA ILE A 95 -2.11 -23.61 -3.58
C ILE A 95 -2.37 -25.07 -3.25
N ALA A 96 -1.72 -25.99 -3.97
CA ALA A 96 -1.96 -27.41 -3.71
C ALA A 96 -1.43 -27.83 -2.35
N ASP A 97 -0.34 -27.22 -1.89
CA ASP A 97 0.23 -27.62 -0.61
C ASP A 97 -0.53 -27.03 0.57
N TYR A 98 -0.90 -25.76 0.51
CA TYR A 98 -1.39 -25.04 1.68
C TYR A 98 -2.82 -24.55 1.59
N ASN A 99 -3.54 -24.81 0.48
CA ASN A 99 -4.87 -24.23 0.34
C ASN A 99 -5.94 -25.23 -0.12
N TYR A 100 -5.70 -25.93 -1.23
CA TYR A 100 -6.67 -26.90 -1.74
C TYR A 100 -5.92 -28.02 -2.45
N LYS A 101 -6.09 -29.25 -1.97
CA LYS A 101 -5.29 -30.37 -2.40
C LYS A 101 -6.17 -31.45 -3.01
N LEU A 102 -5.88 -31.83 -4.25
CA LEU A 102 -6.56 -32.97 -4.86
C LEU A 102 -5.77 -34.25 -4.62
N PRO A 103 -6.46 -35.36 -4.35
CA PRO A 103 -5.76 -36.64 -4.16
C PRO A 103 -5.18 -37.14 -5.48
N ASP A 104 -4.33 -38.17 -5.36
CA ASP A 104 -3.70 -38.74 -6.55
C ASP A 104 -4.70 -39.54 -7.37
N ASP A 105 -5.63 -40.24 -6.71
CA ASP A 105 -6.66 -41.01 -7.39
C ASP A 105 -7.95 -40.22 -7.55
N PHE A 106 -7.85 -38.93 -7.88
CA PHE A 106 -9.01 -38.06 -7.95
C PHE A 106 -9.91 -38.46 -9.12
N THR A 107 -11.19 -38.64 -8.82
CA THR A 107 -12.22 -38.94 -9.81
C THR A 107 -13.17 -37.75 -9.88
N GLY A 108 -13.05 -36.95 -10.94
CA GLY A 108 -13.89 -35.78 -11.10
C GLY A 108 -13.34 -34.86 -12.15
N CYS A 109 -13.87 -33.64 -12.17
CA CYS A 109 -13.53 -32.63 -13.16
C CYS A 109 -13.17 -31.33 -12.47
N VAL A 110 -12.28 -30.57 -13.11
CA VAL A 110 -11.86 -29.25 -12.63
C VAL A 110 -12.28 -28.22 -13.67
N ILE A 111 -13.10 -27.26 -13.25
CA ILE A 111 -13.66 -26.25 -14.14
C ILE A 111 -13.21 -24.88 -13.65
N ALA A 112 -12.64 -24.10 -14.55
CA ALA A 112 -12.15 -22.77 -14.21
C ALA A 112 -12.43 -21.80 -15.36
N TRP A 113 -12.67 -20.54 -14.99
CA TRP A 113 -12.90 -19.50 -15.98
C TRP A 113 -12.43 -18.17 -15.43
N ASN A 114 -12.04 -17.27 -16.33
CA ASN A 114 -11.52 -15.97 -15.95
C ASN A 114 -12.65 -15.07 -15.43
N SER A 115 -12.40 -14.42 -14.30
CA SER A 115 -13.40 -13.59 -13.63
C SER A 115 -12.86 -12.20 -13.32
N ASN A 116 -12.01 -11.67 -14.20
CA ASN A 116 -11.43 -10.36 -13.97
C ASN A 116 -12.48 -9.25 -13.91
N ASN A 117 -13.65 -9.45 -14.52
CA ASN A 117 -14.70 -8.44 -14.49
C ASN A 117 -15.54 -8.50 -13.22
N LEU A 118 -15.32 -9.47 -12.35
CA LEU A 118 -16.10 -9.62 -11.12
C LEU A 118 -15.27 -9.51 -9.86
N ASP A 119 -14.06 -10.05 -9.86
CA ASP A 119 -13.30 -10.26 -8.63
C ASP A 119 -12.07 -9.36 -8.51
N SER A 120 -11.93 -8.38 -9.38
CA SER A 120 -10.85 -7.40 -9.26
C SER A 120 -11.42 -6.03 -8.91
N LYS A 121 -10.58 -5.21 -8.30
CA LYS A 121 -10.97 -3.88 -7.87
C LYS A 121 -9.93 -2.85 -8.30
N VAL A 122 -10.40 -1.67 -8.69
CA VAL A 122 -9.49 -0.56 -8.94
C VAL A 122 -8.77 -0.23 -7.64
N GLY A 123 -7.44 -0.31 -7.67
CA GLY A 123 -6.64 -0.17 -6.48
C GLY A 123 -6.31 -1.47 -5.79
N GLY A 124 -6.85 -2.59 -6.27
CA GLY A 124 -6.58 -3.88 -5.67
C GLY A 124 -7.74 -4.38 -4.82
N ASN A 125 -8.09 -5.65 -4.98
CA ASN A 125 -9.17 -6.26 -4.20
C ASN A 125 -8.59 -6.95 -2.99
N TYR A 126 -9.04 -6.56 -1.80
CA TYR A 126 -8.60 -7.17 -0.55
C TYR A 126 -9.40 -8.40 -0.17
N ASN A 127 -10.44 -8.75 -0.94
CA ASN A 127 -11.40 -9.74 -0.51
C ASN A 127 -10.94 -11.19 -0.70
N TYR A 128 -9.94 -11.43 -1.55
CA TYR A 128 -9.49 -12.78 -1.84
C TYR A 128 -8.10 -13.01 -1.26
N LEU A 129 -7.95 -14.10 -0.52
CA LEU A 129 -6.72 -14.42 0.18
C LEU A 129 -6.31 -15.86 -0.12
N TYR A 130 -5.08 -16.18 0.22
CA TYR A 130 -4.57 -17.55 0.18
C TYR A 130 -3.59 -17.75 1.32
N ARG A 131 -3.48 -18.98 1.80
CA ARG A 131 -2.54 -19.30 2.86
C ARG A 131 -1.14 -19.36 2.28
N LEU A 132 -0.27 -18.48 2.77
CA LEU A 132 1.12 -18.43 2.32
C LEU A 132 2.05 -19.26 3.20
N PHE A 133 1.75 -19.37 4.50
CA PHE A 133 2.60 -20.07 5.45
C PHE A 133 1.85 -21.22 6.10
N ARG A 134 2.50 -22.38 6.18
CA ARG A 134 1.94 -23.54 6.86
C ARG A 134 3.06 -24.54 7.12
N LYS A 135 3.05 -25.15 8.31
CA LYS A 135 4.14 -26.05 8.69
C LYS A 135 4.20 -27.27 7.79
N SER A 136 3.04 -27.79 7.38
CA SER A 136 2.99 -29.02 6.59
C SER A 136 1.93 -28.88 5.51
N ASN A 137 1.95 -29.83 4.58
CA ASN A 137 1.00 -29.82 3.46
C ASN A 137 -0.37 -30.29 3.91
N LEU A 138 -1.39 -29.83 3.21
CA LEU A 138 -2.76 -30.26 3.47
C LEU A 138 -2.98 -31.68 2.95
N LYS A 139 -3.73 -32.47 3.70
CA LYS A 139 -4.22 -33.74 3.20
C LYS A 139 -5.26 -33.47 2.11
N PRO A 140 -5.52 -34.45 1.24
CA PRO A 140 -6.50 -34.25 0.18
C PRO A 140 -7.87 -33.83 0.73
N PHE A 141 -8.39 -32.74 0.20
CA PHE A 141 -9.70 -32.18 0.56
C PHE A 141 -9.73 -31.67 2.00
N GLU A 142 -8.57 -31.30 2.54
CA GLU A 142 -8.53 -30.65 3.84
C GLU A 142 -8.77 -29.15 3.67
N ARG A 143 -9.35 -28.53 4.70
CA ARG A 143 -9.68 -27.12 4.70
C ARG A 143 -9.16 -26.49 5.99
N ASP A 144 -8.19 -25.60 5.87
CA ASP A 144 -7.56 -24.96 7.02
C ASP A 144 -7.91 -23.48 7.00
N ILE A 145 -8.78 -23.06 7.93
CA ILE A 145 -9.16 -21.66 8.07
C ILE A 145 -8.51 -21.04 9.29
N SER A 146 -7.48 -21.67 9.84
CA SER A 146 -6.74 -21.10 10.96
C SER A 146 -6.12 -19.76 10.56
N THR A 147 -6.20 -18.80 11.47
CA THR A 147 -5.55 -17.50 11.29
C THR A 147 -4.50 -17.26 12.37
N GLU A 148 -3.92 -18.35 12.89
CA GLU A 148 -2.88 -18.23 13.90
C GLU A 148 -1.65 -17.56 13.31
N ILE A 149 -0.99 -16.72 14.12
CA ILE A 149 0.26 -16.11 13.68
C ILE A 149 1.30 -17.20 13.51
N TYR A 150 1.94 -17.22 12.34
CA TYR A 150 2.85 -18.30 11.98
C TYR A 150 4.22 -18.09 12.60
N GLN A 151 4.71 -19.11 13.32
CA GLN A 151 6.00 -19.04 13.98
C GLN A 151 7.07 -19.55 13.02
N ALA A 152 7.96 -18.64 12.59
CA ALA A 152 9.04 -18.97 11.68
C ALA A 152 10.39 -19.06 12.36
N GLY A 153 10.46 -18.77 13.66
CA GLY A 153 11.69 -18.91 14.40
C GLY A 153 11.53 -19.77 15.64
N SER A 154 12.50 -19.70 16.56
CA SER A 154 12.44 -20.54 17.74
C SER A 154 11.40 -20.05 18.76
N THR A 155 11.21 -18.73 18.85
CA THR A 155 10.36 -18.20 19.91
C THR A 155 8.91 -18.10 19.44
N PRO A 156 7.95 -18.58 20.22
CA PRO A 156 6.54 -18.52 19.82
C PRO A 156 6.01 -17.09 19.83
N CYS A 157 4.94 -16.88 19.05
CA CYS A 157 4.47 -15.53 18.72
C CYS A 157 3.39 -15.00 19.67
N ASN A 158 2.43 -15.85 20.06
CA ASN A 158 1.32 -15.43 20.91
C ASN A 158 0.52 -14.30 20.27
N GLY A 159 0.12 -14.50 19.02
CA GLY A 159 -0.71 -13.56 18.29
C GLY A 159 -0.08 -12.22 17.98
N VAL A 160 1.21 -12.06 18.22
CA VAL A 160 1.90 -10.80 17.96
C VAL A 160 2.68 -10.95 16.65
N GLU A 161 2.33 -10.15 15.64
CA GLU A 161 3.09 -10.15 14.40
C GLU A 161 4.44 -9.49 14.60
N GLY A 162 5.43 -9.95 13.85
CA GLY A 162 6.76 -9.39 13.95
C GLY A 162 7.75 -10.22 13.16
N PHE A 163 9.03 -10.02 13.44
CA PHE A 163 10.07 -10.82 12.80
C PHE A 163 9.88 -12.29 13.15
N ASN A 164 9.90 -13.15 12.14
CA ASN A 164 9.62 -14.57 12.24
C ASN A 164 8.21 -14.87 12.76
N CYS A 165 7.31 -13.89 12.74
CA CYS A 165 5.93 -14.07 13.19
C CYS A 165 5.02 -13.42 12.15
N TYR A 166 4.50 -14.24 11.24
CA TYR A 166 3.84 -13.76 10.03
C TYR A 166 2.37 -14.12 10.05
N PHE A 167 1.52 -13.16 9.70
CA PHE A 167 0.12 -13.49 9.45
C PHE A 167 0.06 -14.49 8.30
N PRO A 168 -0.65 -15.61 8.46
CA PRO A 168 -0.48 -16.73 7.52
C PRO A 168 -1.16 -16.54 6.17
N LEU A 169 -2.00 -15.54 6.00
CA LEU A 169 -2.76 -15.35 4.77
C LEU A 169 -2.26 -14.11 4.03
N GLN A 170 -2.30 -14.19 2.70
CA GLN A 170 -1.91 -13.08 1.82
C GLN A 170 -3.05 -12.74 0.89
N SER A 171 -3.30 -11.45 0.72
CA SER A 171 -4.27 -10.98 -0.25
C SER A 171 -3.66 -11.02 -1.66
N TYR A 172 -4.50 -11.33 -2.64
CA TYR A 172 -4.06 -11.26 -4.03
C TYR A 172 -3.97 -9.83 -4.54
N GLY A 173 -4.83 -8.95 -4.05
CA GLY A 173 -4.86 -7.57 -4.53
C GLY A 173 -5.26 -7.43 -5.98
N PHE A 174 -6.17 -8.28 -6.46
CA PHE A 174 -6.53 -8.31 -7.88
C PHE A 174 -6.89 -6.93 -8.40
N GLN A 175 -6.20 -6.49 -9.43
CA GLN A 175 -6.53 -5.26 -10.12
C GLN A 175 -7.00 -5.57 -11.54
N PRO A 176 -7.93 -4.77 -12.09
CA PRO A 176 -8.44 -5.08 -13.43
C PRO A 176 -7.39 -5.01 -14.52
N THR A 177 -6.27 -4.33 -14.28
CA THR A 177 -5.24 -4.14 -15.30
C THR A 177 -4.12 -5.17 -15.23
N ASN A 178 -4.19 -6.12 -14.31
CA ASN A 178 -3.15 -7.13 -14.21
C ASN A 178 -3.13 -8.00 -15.46
N GLY A 179 -1.97 -8.62 -15.71
CA GLY A 179 -1.85 -9.58 -16.78
C GLY A 179 -2.62 -10.86 -16.48
N VAL A 180 -2.80 -11.67 -17.53
CA VAL A 180 -3.64 -12.86 -17.42
C VAL A 180 -3.17 -13.77 -16.30
N GLY A 181 -1.86 -13.95 -16.17
CA GLY A 181 -1.33 -14.83 -15.14
C GLY A 181 -1.62 -14.37 -13.73
N TYR A 182 -1.89 -13.08 -13.53
CA TYR A 182 -2.19 -12.53 -12.21
C TYR A 182 -3.66 -12.21 -12.03
N GLN A 183 -4.52 -12.54 -12.99
CA GLN A 183 -5.92 -12.22 -12.89
C GLN A 183 -6.67 -13.26 -12.08
N PRO A 184 -7.84 -12.91 -11.54
CA PRO A 184 -8.61 -13.90 -10.78
C PRO A 184 -9.28 -14.91 -11.70
N TYR A 185 -9.31 -16.15 -11.24
CA TYR A 185 -10.01 -17.23 -11.94
C TYR A 185 -10.91 -17.94 -10.93
N ARG A 186 -12.18 -18.07 -11.28
CA ARG A 186 -13.10 -18.84 -10.47
C ARG A 186 -12.98 -20.32 -10.83
N VAL A 187 -12.91 -21.18 -9.82
CA VAL A 187 -12.68 -22.60 -10.01
C VAL A 187 -13.81 -23.36 -9.37
N VAL A 188 -14.33 -24.36 -10.07
CA VAL A 188 -15.30 -25.31 -9.53
C VAL A 188 -14.73 -26.71 -9.73
N VAL A 189 -14.53 -27.42 -8.63
CA VAL A 189 -14.04 -28.79 -8.65
C VAL A 189 -15.21 -29.71 -8.32
N LEU A 190 -15.48 -30.66 -9.21
CA LEU A 190 -16.53 -31.65 -9.02
C LEU A 190 -15.90 -32.98 -8.62
N SER A 191 -16.38 -33.56 -7.53
CA SER A 191 -15.96 -34.88 -7.08
C SER A 191 -17.15 -35.84 -7.18
N PHE A 192 -16.88 -37.08 -7.58
CA PHE A 192 -17.92 -38.08 -7.78
C PHE A 192 -17.65 -39.25 -6.84
N GLU A 193 -18.15 -39.14 -5.62
CA GLU A 193 -18.06 -40.26 -4.68
C GLU A 193 -18.86 -41.44 -5.21
N LEU A 194 -18.27 -42.63 -5.10
CA LEU A 194 -18.86 -43.86 -5.63
C LEU A 194 -18.78 -44.92 -4.54
N LEU A 195 -19.72 -44.86 -3.60
CA LEU A 195 -19.76 -45.80 -2.49
C LEU A 195 -20.58 -47.03 -2.87
N HIS A 196 -20.69 -47.97 -1.93
CA HIS A 196 -21.56 -49.13 -2.10
C HIS A 196 -23.02 -48.79 -1.84
N ALA A 197 -23.34 -47.56 -1.47
CA ALA A 197 -24.69 -47.12 -1.25
C ALA A 197 -25.40 -46.86 -2.58
N PRO A 198 -26.73 -46.82 -2.59
CA PRO A 198 -27.44 -46.52 -3.84
C PRO A 198 -27.11 -45.12 -4.34
N ALA A 199 -27.05 -44.99 -5.67
CA ALA A 199 -26.69 -43.72 -6.29
C ALA A 199 -27.89 -42.78 -6.30
N THR A 200 -27.62 -41.49 -6.10
CA THR A 200 -28.67 -40.49 -6.04
C THR A 200 -28.49 -39.31 -7.00
N VAL A 201 -27.40 -39.25 -7.75
CA VAL A 201 -27.11 -38.15 -8.67
C VAL A 201 -26.83 -38.75 -10.04
N CYS A 202 -27.75 -38.55 -10.97
CA CYS A 202 -27.64 -39.10 -12.31
C CYS A 202 -27.78 -37.99 -13.34
N GLY A 203 -27.10 -38.17 -14.48
CA GLY A 203 -27.15 -37.18 -15.54
C GLY A 203 -28.31 -37.38 -16.48
N LYS A 204 -28.46 -36.44 -17.41
CA LYS A 204 -29.53 -36.47 -18.38
C LYS A 204 -29.12 -35.82 -19.71
N GLU B 1 21.54 -13.08 17.21
CA GLU B 1 21.72 -12.49 15.90
C GLU B 1 21.28 -13.44 14.79
N VAL B 2 20.34 -12.98 13.95
CA VAL B 2 19.93 -13.77 12.80
C VAL B 2 21.06 -13.80 11.79
N GLN B 3 21.37 -15.00 11.28
CA GLN B 3 22.52 -15.15 10.41
C GLN B 3 22.41 -16.47 9.66
N LEU B 4 22.88 -16.45 8.41
CA LEU B 4 22.98 -17.64 7.58
C LEU B 4 24.44 -17.82 7.19
N VAL B 5 25.04 -18.92 7.65
CA VAL B 5 26.46 -19.18 7.46
C VAL B 5 26.62 -20.25 6.39
N GLU B 6 27.34 -19.92 5.32
CA GLU B 6 27.53 -20.82 4.19
C GLU B 6 28.91 -21.46 4.23
N SER B 7 28.99 -22.71 3.76
CA SER B 7 30.23 -23.44 3.70
C SER B 7 30.09 -24.53 2.65
N GLY B 8 31.24 -25.01 2.17
CA GLY B 8 31.26 -26.09 1.20
C GLY B 8 31.69 -25.71 -0.19
N GLY B 9 31.89 -24.42 -0.47
CA GLY B 9 32.41 -24.00 -1.75
C GLY B 9 33.86 -24.42 -1.92
N GLY B 10 34.41 -24.04 -3.06
CA GLY B 10 35.79 -24.34 -3.38
C GLY B 10 35.92 -24.99 -4.73
N LEU B 11 37.12 -25.51 -5.00
CA LEU B 11 37.42 -26.08 -6.31
C LEU B 11 36.79 -27.45 -6.48
N ILE B 12 36.33 -27.73 -7.70
CA ILE B 12 35.79 -29.04 -8.05
C ILE B 12 36.05 -29.25 -9.54
N GLN B 13 36.33 -30.50 -9.92
CA GLN B 13 36.63 -30.77 -11.31
C GLN B 13 35.33 -30.94 -12.10
N PRO B 14 35.36 -30.68 -13.42
CA PRO B 14 34.16 -30.86 -14.24
C PRO B 14 33.60 -32.28 -14.11
N GLY B 15 32.27 -32.37 -14.01
CA GLY B 15 31.60 -33.64 -13.84
C GLY B 15 31.53 -34.12 -12.40
N GLY B 16 32.17 -33.43 -11.46
CA GLY B 16 32.13 -33.82 -10.07
C GLY B 16 30.95 -33.25 -9.33
N SER B 17 30.74 -33.75 -8.11
CA SER B 17 29.65 -33.32 -7.26
C SER B 17 30.18 -32.51 -6.08
N LEU B 18 29.27 -31.82 -5.40
CA LEU B 18 29.62 -30.89 -4.33
C LEU B 18 28.37 -30.48 -3.57
N ARG B 19 28.42 -30.47 -2.24
CA ARG B 19 27.28 -30.11 -1.42
C ARG B 19 27.58 -28.85 -0.63
N LEU B 20 26.70 -27.85 -0.74
CA LEU B 20 26.81 -26.64 0.04
C LEU B 20 25.95 -26.73 1.29
N SER B 21 26.35 -26.00 2.33
CA SER B 21 25.64 -25.98 3.60
C SER B 21 25.36 -24.54 4.00
N CYS B 22 24.17 -24.31 4.55
CA CYS B 22 23.72 -22.99 5.00
C CYS B 22 23.21 -23.17 6.43
N ALA B 23 24.10 -23.00 7.40
CA ALA B 23 23.75 -23.17 8.81
C ALA B 23 23.06 -21.92 9.32
N ALA B 24 21.86 -22.08 9.87
CA ALA B 24 21.02 -20.95 10.25
C ALA B 24 20.97 -20.80 11.76
N SER B 25 20.99 -19.56 12.22
CA SER B 25 20.74 -19.22 13.61
C SER B 25 19.83 -17.99 13.62
N GLY B 26 18.70 -18.09 14.32
CA GLY B 26 17.72 -17.02 14.37
C GLY B 26 16.47 -17.27 13.55
N LEU B 27 16.40 -18.39 12.84
CA LEU B 27 15.20 -18.78 12.12
C LEU B 27 15.25 -20.29 11.93
N THR B 28 14.07 -20.92 11.91
CA THR B 28 13.97 -22.37 11.77
C THR B 28 13.87 -22.70 10.28
N VAL B 29 14.91 -23.36 9.76
CA VAL B 29 14.93 -23.69 8.33
C VAL B 29 13.72 -24.51 7.94
N SER B 30 13.29 -25.42 8.82
CA SER B 30 12.17 -26.30 8.49
C SER B 30 10.85 -25.56 8.40
N SER B 31 10.76 -24.36 8.96
CA SER B 31 9.50 -23.62 8.99
C SER B 31 9.46 -22.48 7.98
N ASN B 32 10.42 -22.39 7.07
CA ASN B 32 10.53 -21.26 6.16
C ASN B 32 10.67 -21.72 4.72
N TYR B 33 10.31 -20.83 3.81
CA TYR B 33 10.81 -20.92 2.44
C TYR B 33 12.30 -20.65 2.46
N MET B 34 13.09 -21.57 1.92
CA MET B 34 14.54 -21.44 1.87
C MET B 34 15.01 -21.62 0.44
N SER B 35 15.74 -20.64 -0.08
CA SER B 35 16.11 -20.61 -1.48
C SER B 35 17.62 -20.51 -1.64
N TRP B 36 18.09 -20.93 -2.82
CA TRP B 36 19.47 -20.77 -3.23
C TRP B 36 19.51 -19.84 -4.44
N VAL B 37 20.41 -18.86 -4.41
CA VAL B 37 20.60 -17.91 -5.49
C VAL B 37 22.08 -17.82 -5.79
N ARG B 38 22.44 -17.93 -7.07
CA ARG B 38 23.84 -17.90 -7.46
C ARG B 38 24.12 -16.67 -8.32
N GLN B 39 25.41 -16.35 -8.44
CA GLN B 39 25.85 -15.18 -9.20
C GLN B 39 27.16 -15.54 -9.86
N ALA B 40 27.11 -15.80 -11.17
CA ALA B 40 28.32 -16.05 -11.93
C ALA B 40 29.23 -14.82 -11.88
N PRO B 41 30.54 -15.02 -11.99
CA PRO B 41 31.46 -13.88 -11.87
C PRO B 41 31.18 -12.80 -12.90
N GLY B 42 31.02 -11.57 -12.44
CA GLY B 42 30.75 -10.44 -13.30
C GLY B 42 29.32 -10.34 -13.81
N LYS B 43 28.50 -11.37 -13.64
CA LYS B 43 27.13 -11.36 -14.12
C LYS B 43 26.19 -11.14 -12.93
N GLY B 44 24.88 -11.24 -13.21
CA GLY B 44 23.86 -10.89 -12.23
C GLY B 44 23.42 -12.06 -11.38
N LEU B 45 22.26 -11.88 -10.74
CA LEU B 45 21.71 -12.87 -9.84
C LEU B 45 20.79 -13.83 -10.60
N GLU B 46 20.87 -15.11 -10.26
CA GLU B 46 20.01 -16.13 -10.83
C GLU B 46 19.48 -17.02 -9.72
N TRP B 47 18.16 -17.16 -9.66
CA TRP B 47 17.53 -18.07 -8.71
C TRP B 47 17.76 -19.52 -9.15
N VAL B 48 17.96 -20.40 -8.17
CA VAL B 48 18.40 -21.77 -8.43
C VAL B 48 17.40 -22.79 -7.91
N SER B 49 16.95 -22.63 -6.67
CA SER B 49 16.10 -23.64 -6.05
C SER B 49 15.42 -23.06 -4.82
N VAL B 50 14.36 -23.74 -4.38
CA VAL B 50 13.64 -23.39 -3.16
C VAL B 50 13.09 -24.66 -2.55
N ILE B 51 13.07 -24.73 -1.23
CA ILE B 51 12.42 -25.80 -0.49
C ILE B 51 11.35 -25.17 0.40
N TYR B 52 10.16 -25.75 0.38
CA TYR B 52 9.05 -25.26 1.19
C TYR B 52 9.10 -25.91 2.57
N SER B 53 8.43 -25.27 3.53
CA SER B 53 8.32 -25.85 4.87
C SER B 53 7.61 -27.20 4.82
N GLY B 54 6.60 -27.32 3.97
CA GLY B 54 5.88 -28.57 3.82
C GLY B 54 6.64 -29.64 3.05
N GLY B 55 7.78 -29.29 2.46
CA GLY B 55 8.64 -30.26 1.80
C GLY B 55 8.74 -30.16 0.30
N SER B 56 7.88 -29.35 -0.34
CA SER B 56 7.94 -29.22 -1.79
C SER B 56 9.22 -28.51 -2.21
N THR B 57 9.83 -29.02 -3.29
CA THR B 57 11.06 -28.46 -3.82
C THR B 57 10.85 -28.03 -5.27
N PHE B 58 11.53 -26.96 -5.66
CA PHE B 58 11.44 -26.43 -7.00
C PHE B 58 12.82 -26.00 -7.47
N TYR B 59 13.05 -26.10 -8.78
CA TYR B 59 14.36 -25.82 -9.36
C TYR B 59 14.18 -25.02 -10.65
N ALA B 60 15.07 -24.05 -10.86
CA ALA B 60 15.14 -23.40 -12.15
C ALA B 60 15.55 -24.42 -13.22
N ASP B 61 15.07 -24.20 -14.45
CA ASP B 61 15.21 -25.21 -15.48
C ASP B 61 16.66 -25.47 -15.86
N SER B 62 17.57 -24.55 -15.55
CA SER B 62 18.98 -24.74 -15.88
C SER B 62 19.69 -25.71 -14.94
N VAL B 63 19.09 -26.06 -13.80
CA VAL B 63 19.73 -26.96 -12.85
C VAL B 63 18.80 -28.13 -12.53
N LYS B 64 17.57 -28.06 -13.00
CA LYS B 64 16.58 -29.07 -12.66
C LYS B 64 16.99 -30.43 -13.20
N GLY B 65 17.24 -31.37 -12.30
CA GLY B 65 17.72 -32.69 -12.66
C GLY B 65 19.18 -32.92 -12.38
N ARG B 66 19.92 -31.88 -11.97
CA ARG B 66 21.29 -32.02 -11.52
C ARG B 66 21.50 -31.59 -10.08
N PHE B 67 20.68 -30.66 -9.58
CA PHE B 67 20.77 -30.18 -8.22
C PHE B 67 19.67 -30.79 -7.37
N THR B 68 19.91 -30.89 -6.06
CA THR B 68 18.92 -31.39 -5.12
C THR B 68 19.02 -30.57 -3.84
N ILE B 69 18.00 -29.78 -3.56
CA ILE B 69 17.94 -29.01 -2.32
C ILE B 69 17.40 -29.91 -1.21
N SER B 70 17.85 -29.66 0.01
CA SER B 70 17.46 -30.47 1.16
C SER B 70 17.77 -29.70 2.42
N ARG B 71 17.40 -30.28 3.56
CA ARG B 71 17.67 -29.66 4.85
C ARG B 71 17.73 -30.75 5.91
N ASP B 72 18.28 -30.38 7.07
CA ASP B 72 18.27 -31.24 8.25
C ASP B 72 17.64 -30.43 9.38
N ASN B 73 16.46 -30.87 9.82
CA ASN B 73 15.70 -30.12 10.82
C ASN B 73 16.50 -29.96 12.11
N SER B 74 17.09 -31.05 12.59
CA SER B 74 17.81 -31.00 13.86
C SER B 74 19.01 -30.07 13.79
N LYS B 75 19.74 -30.10 12.67
CA LYS B 75 20.91 -29.25 12.52
C LYS B 75 20.57 -27.83 12.08
N ASN B 76 19.29 -27.55 11.78
CA ASN B 76 18.86 -26.22 11.33
C ASN B 76 19.73 -25.75 10.16
N THR B 77 19.94 -26.64 9.19
CA THR B 77 20.88 -26.42 8.10
C THR B 77 20.21 -26.71 6.78
N LEU B 78 20.40 -25.82 5.81
CA LEU B 78 19.94 -26.00 4.44
C LEU B 78 21.10 -26.52 3.59
N TYR B 79 20.79 -27.45 2.68
CA TYR B 79 21.81 -28.07 1.83
C TYR B 79 21.47 -27.86 0.37
N LEU B 80 22.49 -28.02 -0.48
CA LEU B 80 22.31 -28.01 -1.93
C LEU B 80 23.32 -28.98 -2.52
N GLN B 81 22.85 -30.13 -2.99
CA GLN B 81 23.70 -31.10 -3.66
C GLN B 81 23.78 -30.75 -5.14
N MET B 82 24.99 -30.56 -5.65
CA MET B 82 25.23 -30.15 -7.03
C MET B 82 26.01 -31.24 -7.74
N ASN B 83 25.40 -31.86 -8.75
CA ASN B 83 26.02 -32.95 -9.47
C ASN B 83 26.33 -32.54 -10.91
N SER B 84 27.26 -33.28 -11.52
CA SER B 84 27.65 -33.11 -12.92
C SER B 84 27.98 -31.64 -13.21
N LEU B 85 28.83 -31.07 -12.37
CA LEU B 85 29.13 -29.65 -12.46
C LEU B 85 29.92 -29.34 -13.72
N GLY B 86 29.68 -28.15 -14.27
CA GLY B 86 30.38 -27.67 -15.45
C GLY B 86 30.75 -26.22 -15.35
N ALA B 87 31.17 -25.62 -16.46
CA ALA B 87 31.58 -24.22 -16.45
C ALA B 87 30.42 -23.30 -16.13
N GLU B 88 29.20 -23.65 -16.58
CA GLU B 88 28.02 -22.83 -16.31
C GLU B 88 27.72 -22.71 -14.82
N ASP B 89 28.33 -23.56 -13.99
CA ASP B 89 27.99 -23.63 -12.57
C ASP B 89 28.97 -22.87 -11.68
N THR B 90 30.05 -22.32 -12.23
CA THR B 90 30.98 -21.53 -11.43
C THR B 90 30.32 -20.22 -11.05
N ALA B 91 30.05 -20.04 -9.76
CA ALA B 91 29.34 -18.86 -9.28
C ALA B 91 29.48 -18.78 -7.77
N VAL B 92 29.20 -17.58 -7.24
CA VAL B 92 29.02 -17.40 -5.80
C VAL B 92 27.59 -17.79 -5.47
N TYR B 93 27.43 -18.82 -4.64
CA TYR B 93 26.12 -19.32 -4.28
C TYR B 93 25.69 -18.72 -2.96
N TYR B 94 24.51 -18.11 -2.95
CA TYR B 94 23.90 -17.53 -1.76
C TYR B 94 22.70 -18.35 -1.34
N CYS B 95 22.53 -18.51 -0.03
CA CYS B 95 21.27 -18.99 0.51
C CYS B 95 20.48 -17.82 1.07
N ALA B 96 19.16 -17.92 1.02
CA ALA B 96 18.30 -16.86 1.53
C ALA B 96 17.01 -17.47 2.05
N ARG B 97 16.43 -16.81 3.03
CA ARG B 97 15.08 -17.15 3.48
C ARG B 97 14.08 -16.42 2.60
N GLY B 98 13.01 -17.11 2.22
CA GLY B 98 12.02 -16.56 1.32
C GLY B 98 12.13 -17.14 -0.08
N GLU B 99 11.21 -16.70 -0.93
CA GLU B 99 11.14 -17.19 -2.31
C GLU B 99 11.03 -16.05 -3.33
N GLY B 100 11.10 -14.79 -2.89
CA GLY B 100 10.97 -13.69 -3.80
C GLY B 100 9.55 -13.36 -4.24
N SER B 101 8.56 -13.89 -3.54
CA SER B 101 7.15 -13.66 -3.80
C SER B 101 6.55 -12.71 -2.76
N PRO B 102 5.36 -12.16 -3.01
CA PRO B 102 4.78 -11.20 -2.05
C PRO B 102 4.66 -11.78 -0.65
N GLY B 103 4.99 -10.96 0.34
CA GLY B 103 5.04 -11.42 1.72
C GLY B 103 6.08 -12.49 1.98
N ASN B 104 7.05 -12.64 1.10
CA ASN B 104 7.95 -13.79 1.14
C ASN B 104 9.20 -13.52 0.32
N TRP B 105 9.84 -12.38 0.54
CA TRP B 105 10.99 -11.97 -0.26
C TRP B 105 12.27 -12.61 0.28
N PHE B 106 13.37 -12.40 -0.43
CA PHE B 106 14.67 -12.94 -0.05
C PHE B 106 15.24 -12.11 1.08
N ASP B 107 15.11 -12.59 2.32
CA ASP B 107 15.65 -11.90 3.48
C ASP B 107 15.57 -12.79 4.72
N PRO B 108 16.69 -12.97 5.45
CA PRO B 108 18.00 -12.42 5.12
C PRO B 108 18.79 -13.31 4.19
N TRP B 109 19.98 -12.87 3.79
CA TRP B 109 20.88 -13.61 2.92
C TRP B 109 22.09 -14.11 3.69
N GLY B 110 22.71 -15.17 3.17
CA GLY B 110 24.00 -15.58 3.65
C GLY B 110 25.12 -14.78 3.00
N GLN B 111 26.34 -14.97 3.50
CA GLN B 111 27.47 -14.22 2.96
C GLN B 111 27.87 -14.70 1.57
N GLY B 112 27.46 -15.90 1.18
CA GLY B 112 27.83 -16.44 -0.12
C GLY B 112 29.12 -17.24 -0.08
N THR B 113 29.13 -18.36 -0.80
CA THR B 113 30.32 -19.18 -0.96
C THR B 113 30.59 -19.39 -2.44
N LEU B 114 31.86 -19.43 -2.81
CA LEU B 114 32.28 -19.51 -4.19
C LEU B 114 32.52 -20.97 -4.60
N VAL B 115 32.02 -21.33 -5.78
CA VAL B 115 32.26 -22.63 -6.37
C VAL B 115 33.01 -22.41 -7.67
N THR B 116 34.21 -22.98 -7.77
CA THR B 116 35.04 -22.87 -8.97
C THR B 116 35.12 -24.24 -9.61
N VAL B 117 34.57 -24.36 -10.81
CA VAL B 117 34.64 -25.61 -11.57
C VAL B 117 35.82 -25.49 -12.52
N SER B 118 36.88 -26.26 -12.25
CA SER B 118 38.10 -26.19 -13.04
C SER B 118 38.87 -27.49 -12.88
N SER B 119 39.53 -27.92 -13.94
CA SER B 119 40.40 -29.08 -13.89
C SER B 119 41.76 -28.78 -13.27
N ALA B 120 42.05 -27.52 -12.97
CA ALA B 120 43.34 -27.14 -12.43
C ALA B 120 43.51 -27.67 -11.00
N SER B 121 44.73 -27.56 -10.50
CA SER B 121 45.10 -28.10 -9.21
C SER B 121 45.19 -26.99 -8.16
N THR B 122 44.83 -27.32 -6.94
CA THR B 122 44.91 -26.36 -5.83
C THR B 122 46.36 -25.99 -5.55
N LYS B 123 46.60 -24.71 -5.28
CA LYS B 123 47.94 -24.26 -4.92
C LYS B 123 47.86 -23.07 -3.98
N GLY B 124 48.63 -23.13 -2.89
CA GLY B 124 48.69 -22.06 -1.93
C GLY B 124 49.62 -20.94 -2.38
N PRO B 125 49.39 -19.74 -1.88
CA PRO B 125 50.14 -18.57 -2.35
C PRO B 125 51.42 -18.31 -1.58
N SER B 126 52.38 -17.73 -2.30
CA SER B 126 53.56 -17.13 -1.69
C SER B 126 53.26 -15.66 -1.43
N VAL B 127 53.63 -15.19 -0.24
CA VAL B 127 53.38 -13.80 0.16
C VAL B 127 54.72 -13.09 0.29
N PHE B 128 54.85 -11.97 -0.42
CA PHE B 128 56.06 -11.17 -0.42
C PHE B 128 55.75 -9.74 0.03
N PRO B 129 56.69 -9.09 0.70
CA PRO B 129 56.42 -7.74 1.22
C PRO B 129 56.72 -6.64 0.20
N LEU B 130 55.83 -5.67 0.15
CA LEU B 130 56.01 -4.46 -0.65
C LEU B 130 56.52 -3.38 0.31
N ALA B 131 57.84 -3.28 0.42
CA ALA B 131 58.48 -2.44 1.43
C ALA B 131 58.36 -0.96 1.07
N PRO B 132 58.14 -0.09 2.05
CA PRO B 132 58.08 1.34 1.78
C PRO B 132 59.46 1.91 1.48
N SER B 133 59.45 3.02 0.74
CA SER B 133 60.68 3.70 0.33
C SER B 133 60.98 4.87 1.26
N SER B 134 62.08 5.56 0.97
CA SER B 134 62.49 6.72 1.75
C SER B 134 62.99 7.83 0.84
N GLY B 140 55.84 12.86 4.52
CA GLY B 140 54.40 12.93 4.31
C GLY B 140 53.70 11.61 4.57
N THR B 141 53.18 10.99 3.52
CA THR B 141 52.46 9.72 3.60
C THR B 141 53.22 8.66 2.81
N ALA B 142 53.51 7.54 3.48
CA ALA B 142 54.20 6.43 2.86
C ALA B 142 53.20 5.36 2.43
N ALA B 143 53.68 4.42 1.60
CA ALA B 143 52.86 3.33 1.10
C ALA B 143 53.62 2.02 1.23
N LEU B 144 52.96 1.01 1.81
CA LEU B 144 53.52 -0.33 1.91
C LEU B 144 52.41 -1.32 1.55
N GLY B 145 52.78 -2.59 1.46
CA GLY B 145 51.78 -3.59 1.12
C GLY B 145 52.36 -4.99 1.10
N CYS B 146 51.53 -5.92 0.61
CA CYS B 146 51.89 -7.32 0.46
C CYS B 146 51.54 -7.78 -0.95
N LEU B 147 52.33 -8.72 -1.46
CA LEU B 147 52.08 -9.34 -2.75
C LEU B 147 51.76 -10.81 -2.52
N VAL B 148 50.54 -11.20 -2.85
CA VAL B 148 50.06 -12.57 -2.68
C VAL B 148 50.02 -13.19 -4.08
N LYS B 149 51.03 -13.98 -4.41
CA LYS B 149 51.28 -14.42 -5.79
C LYS B 149 51.10 -15.93 -5.93
N ASP B 150 50.58 -16.33 -7.10
CA ASP B 150 50.55 -17.72 -7.55
C ASP B 150 49.74 -18.61 -6.61
N TYR B 151 48.42 -18.50 -6.72
CA TYR B 151 47.51 -19.34 -5.95
C TYR B 151 46.30 -19.70 -6.78
N PHE B 152 45.60 -20.76 -6.34
CA PHE B 152 44.42 -21.25 -7.03
C PHE B 152 43.70 -22.22 -6.10
N PRO B 153 42.37 -22.16 -6.00
CA PRO B 153 41.55 -21.17 -6.71
C PRO B 153 41.37 -19.90 -5.90
N GLU B 154 40.39 -19.10 -6.28
CA GLU B 154 39.92 -18.02 -5.42
C GLU B 154 39.08 -18.61 -4.29
N PRO B 155 38.96 -17.90 -3.16
CA PRO B 155 39.51 -16.58 -2.86
C PRO B 155 40.69 -16.58 -1.88
N VAL B 156 41.32 -15.42 -1.78
CA VAL B 156 42.30 -15.12 -0.73
C VAL B 156 41.81 -13.88 0.01
N THR B 157 41.81 -13.96 1.34
CA THR B 157 41.50 -12.82 2.18
C THR B 157 42.78 -12.23 2.74
N VAL B 158 42.85 -10.91 2.82
CA VAL B 158 44.01 -10.20 3.34
C VAL B 158 43.53 -9.12 4.29
N SER B 159 43.95 -9.19 5.55
CA SER B 159 43.72 -8.15 6.53
C SER B 159 45.07 -7.65 7.03
N TRP B 160 45.04 -6.52 7.74
CA TRP B 160 46.25 -5.90 8.27
C TRP B 160 46.14 -5.78 9.78
N ASN B 161 47.16 -6.26 10.49
CA ASN B 161 47.21 -6.23 11.95
C ASN B 161 45.97 -6.88 12.56
N SER B 162 45.54 -7.99 11.96
CA SER B 162 44.39 -8.75 12.43
C SER B 162 43.13 -7.90 12.50
N GLY B 163 42.90 -7.11 11.45
CA GLY B 163 41.74 -6.25 11.37
C GLY B 163 41.85 -4.95 12.13
N ALA B 164 42.96 -4.69 12.81
CA ALA B 164 43.12 -3.43 13.53
C ALA B 164 43.28 -2.27 12.57
N LEU B 165 44.05 -2.46 11.49
CA LEU B 165 44.30 -1.43 10.50
C LEU B 165 43.36 -1.65 9.32
N THR B 166 42.38 -0.77 9.17
CA THR B 166 41.44 -0.80 8.06
C THR B 166 41.49 0.46 7.20
N SER B 167 41.65 1.62 7.83
CA SER B 167 41.68 2.87 7.08
C SER B 167 42.87 2.92 6.14
N GLY B 168 42.63 3.31 4.89
CA GLY B 168 43.66 3.40 3.90
C GLY B 168 44.04 2.09 3.25
N VAL B 169 43.40 0.99 3.61
CA VAL B 169 43.75 -0.32 3.06
C VAL B 169 43.02 -0.52 1.75
N HIS B 170 43.77 -0.85 0.70
CA HIS B 170 43.23 -1.23 -0.60
C HIS B 170 43.76 -2.60 -0.97
N THR B 171 42.86 -3.56 -1.11
CA THR B 171 43.21 -4.90 -1.59
C THR B 171 42.63 -5.07 -2.98
N PHE B 172 43.49 -5.27 -3.96
CA PHE B 172 43.05 -5.28 -5.34
C PHE B 172 42.41 -6.62 -5.71
N PRO B 173 41.45 -6.60 -6.64
CA PRO B 173 40.90 -7.87 -7.15
C PRO B 173 42.00 -8.72 -7.78
N ALA B 174 41.83 -10.03 -7.66
CA ALA B 174 42.80 -10.96 -8.21
C ALA B 174 42.79 -10.92 -9.73
N VAL B 175 43.94 -11.18 -10.33
CA VAL B 175 44.08 -11.28 -11.77
C VAL B 175 44.63 -12.67 -12.10
N LEU B 176 44.11 -13.25 -13.18
CA LEU B 176 44.58 -14.55 -13.62
C LEU B 176 45.85 -14.37 -14.44
N GLN B 177 46.95 -14.93 -13.95
CA GLN B 177 48.21 -14.85 -14.68
C GLN B 177 48.24 -15.88 -15.81
N SER B 178 49.17 -15.66 -16.75
CA SER B 178 49.28 -16.55 -17.91
C SER B 178 49.59 -17.98 -17.52
N SER B 179 50.05 -18.21 -16.29
CA SER B 179 50.31 -19.56 -15.79
C SER B 179 49.06 -20.23 -15.24
N GLY B 180 47.91 -19.56 -15.28
CA GLY B 180 46.70 -20.11 -14.72
C GLY B 180 46.55 -19.97 -13.23
N LEU B 181 47.43 -19.21 -12.58
CA LEU B 181 47.37 -18.97 -11.14
C LEU B 181 47.08 -17.51 -10.86
N TYR B 182 46.34 -17.26 -9.78
CA TYR B 182 45.94 -15.90 -9.45
C TYR B 182 47.05 -15.17 -8.70
N SER B 183 46.96 -13.85 -8.69
CA SER B 183 47.89 -13.00 -7.96
C SER B 183 47.22 -11.65 -7.71
N LEU B 184 47.48 -11.09 -6.54
CA LEU B 184 46.97 -9.77 -6.20
C LEU B 184 47.94 -9.10 -5.23
N SER B 185 47.66 -7.83 -4.94
CA SER B 185 48.39 -7.08 -3.94
C SER B 185 47.40 -6.40 -3.01
N SER B 186 47.80 -6.26 -1.75
CA SER B 186 47.08 -5.48 -0.76
C SER B 186 48.01 -4.39 -0.26
N VAL B 187 47.61 -3.14 -0.43
CA VAL B 187 48.43 -2.00 -0.06
C VAL B 187 47.68 -1.17 0.98
N VAL B 188 48.45 -0.35 1.71
CA VAL B 188 47.89 0.53 2.72
C VAL B 188 48.83 1.72 2.88
N THR B 189 48.25 2.92 2.91
CA THR B 189 49.00 4.14 3.11
C THR B 189 48.97 4.53 4.59
N VAL B 190 50.14 4.77 5.15
CA VAL B 190 50.27 5.14 6.56
C VAL B 190 51.19 6.36 6.65
N PRO B 191 51.11 7.12 7.74
CA PRO B 191 52.04 8.24 7.91
C PRO B 191 53.47 7.76 7.96
N SER B 192 54.37 8.58 7.40
CA SER B 192 55.78 8.22 7.31
C SER B 192 56.44 8.13 8.68
N SER B 193 55.90 8.83 9.68
CA SER B 193 56.54 8.88 10.99
C SER B 193 56.36 7.60 11.79
N SER B 194 55.31 6.84 11.52
CA SER B 194 55.03 5.61 12.25
C SER B 194 55.68 4.38 11.62
N LEU B 195 56.63 4.57 10.71
CA LEU B 195 57.22 3.42 10.02
C LEU B 195 58.11 2.60 10.96
N GLY B 196 58.92 3.27 11.77
CA GLY B 196 59.85 2.60 12.66
C GLY B 196 59.30 2.22 14.01
N THR B 197 58.06 2.60 14.33
CA THR B 197 57.46 2.30 15.62
C THR B 197 56.26 1.36 15.54
N GLN B 198 55.53 1.36 14.43
CA GLN B 198 54.34 0.55 14.28
C GLN B 198 54.66 -0.66 13.40
N THR B 199 54.43 -1.86 13.93
CA THR B 199 54.61 -3.08 13.17
C THR B 199 53.43 -3.26 12.23
N TYR B 200 53.72 -3.46 10.95
CA TYR B 200 52.70 -3.66 9.93
C TYR B 200 52.77 -5.10 9.43
N ILE B 201 51.67 -5.83 9.61
CA ILE B 201 51.59 -7.26 9.27
C ILE B 201 50.33 -7.50 8.48
N CYS B 202 50.46 -8.13 7.31
CA CYS B 202 49.31 -8.54 6.52
C CYS B 202 49.00 -10.00 6.80
N ASN B 203 47.73 -10.30 7.01
CA ASN B 203 47.27 -11.65 7.36
C ASN B 203 46.58 -12.24 6.14
N VAL B 204 47.28 -13.13 5.45
CA VAL B 204 46.78 -13.77 4.23
C VAL B 204 46.17 -15.11 4.60
N ASN B 205 44.93 -15.34 4.19
CA ASN B 205 44.25 -16.61 4.41
C ASN B 205 43.80 -17.15 3.07
N HIS B 206 44.35 -18.30 2.68
CA HIS B 206 43.92 -19.03 1.50
C HIS B 206 43.26 -20.33 1.98
N LYS B 207 41.98 -20.23 2.32
CA LYS B 207 41.24 -21.39 2.83
C LYS B 207 41.29 -22.61 1.90
N PRO B 208 41.17 -22.49 0.57
CA PRO B 208 41.20 -23.71 -0.27
C PRO B 208 42.40 -24.60 -0.05
N SER B 209 43.57 -24.04 0.27
CA SER B 209 44.77 -24.83 0.52
C SER B 209 45.17 -24.81 2.00
N ASN B 210 44.30 -24.30 2.88
CA ASN B 210 44.57 -24.23 4.31
C ASN B 210 45.89 -23.50 4.59
N THR B 211 46.12 -22.43 3.84
CA THR B 211 47.34 -21.64 3.91
C THR B 211 47.03 -20.35 4.65
N LYS B 212 47.47 -20.27 5.91
CA LYS B 212 47.44 -19.05 6.70
C LYS B 212 48.86 -18.54 6.82
N VAL B 213 49.10 -17.32 6.35
CA VAL B 213 50.44 -16.73 6.34
C VAL B 213 50.35 -15.32 6.88
N ASP B 214 51.15 -15.01 7.90
CA ASP B 214 51.32 -13.66 8.41
C ASP B 214 52.68 -13.14 7.95
N LYS B 215 52.69 -11.93 7.40
CA LYS B 215 53.88 -11.37 6.79
C LYS B 215 54.15 -9.99 7.38
N LYS B 216 55.35 -9.79 7.91
CA LYS B 216 55.76 -8.51 8.47
C LYS B 216 56.39 -7.67 7.38
N VAL B 217 55.82 -6.50 7.12
CA VAL B 217 56.30 -5.58 6.09
C VAL B 217 57.08 -4.48 6.78
N GLU B 218 58.40 -4.52 6.66
CA GLU B 218 59.30 -3.57 7.29
C GLU B 218 60.15 -2.88 6.23
N PRO B 219 60.64 -1.67 6.52
CA PRO B 219 61.50 -0.98 5.55
C PRO B 219 62.74 -1.79 5.21
N LYS B 220 63.28 -1.54 4.03
CA LYS B 220 64.45 -2.28 3.55
C LYS B 220 65.73 -1.71 4.16
N ASP C 1 5.56 -16.42 -18.17
CA ASP C 1 6.95 -15.99 -18.20
C ASP C 1 7.07 -14.50 -18.48
N VAL C 2 7.07 -13.69 -17.42
CA VAL C 2 7.23 -12.25 -17.54
C VAL C 2 8.73 -11.93 -17.52
N VAL C 3 9.19 -11.24 -18.55
CA VAL C 3 10.59 -10.82 -18.67
C VAL C 3 10.69 -9.36 -18.29
N MET C 4 11.73 -9.03 -17.51
CA MET C 4 11.90 -7.68 -17.00
C MET C 4 13.31 -7.20 -17.30
N THR C 5 13.40 -5.99 -17.86
CA THR C 5 14.66 -5.39 -18.28
C THR C 5 14.89 -4.09 -17.53
N GLN C 6 16.12 -3.87 -17.09
CA GLN C 6 16.47 -2.67 -16.34
C GLN C 6 17.20 -1.67 -17.23
N SER C 7 16.98 -0.39 -16.95
CA SER C 7 17.62 0.70 -17.68
C SER C 7 17.86 1.83 -16.70
N PRO C 8 18.97 2.58 -16.85
CA PRO C 8 20.00 2.32 -17.86
C PRO C 8 20.94 1.20 -17.42
N GLY C 9 21.95 0.90 -18.25
CA GLY C 9 22.93 -0.09 -17.85
C GLY C 9 23.77 0.37 -16.68
N THR C 10 24.34 1.57 -16.79
CA THR C 10 25.10 2.19 -15.71
C THR C 10 24.64 3.63 -15.56
N LEU C 11 24.69 4.12 -14.33
CA LEU C 11 24.23 5.46 -13.99
C LEU C 11 25.33 6.20 -13.25
N SER C 12 25.66 7.40 -13.71
CA SER C 12 26.73 8.22 -13.13
C SER C 12 26.15 9.56 -12.71
N LEU C 13 26.10 9.81 -11.40
CA LEU C 13 25.52 11.04 -10.87
C LEU C 13 26.35 11.52 -9.69
N SER C 14 26.29 12.82 -9.44
CA SER C 14 27.02 13.43 -8.35
C SER C 14 26.26 13.25 -7.03
N PRO C 15 26.95 13.29 -5.90
CA PRO C 15 26.27 13.19 -4.61
C PRO C 15 25.27 14.33 -4.42
N GLY C 16 24.13 13.99 -3.83
CA GLY C 16 23.05 14.94 -3.66
C GLY C 16 22.06 14.99 -4.80
N GLU C 17 22.39 14.39 -5.95
CA GLU C 17 21.48 14.40 -7.08
C GLU C 17 20.48 13.25 -6.97
N ARG C 18 19.47 13.29 -7.83
CA ARG C 18 18.37 12.34 -7.83
C ARG C 18 18.66 11.23 -8.84
N ALA C 19 18.62 9.99 -8.39
CA ALA C 19 18.89 8.83 -9.23
C ALA C 19 17.57 8.17 -9.63
N THR C 20 17.42 7.91 -10.93
CA THR C 20 16.22 7.28 -11.47
C THR C 20 16.59 5.96 -12.12
N LEU C 21 16.22 4.85 -11.49
CA LEU C 21 16.44 3.52 -12.02
C LEU C 21 15.11 2.92 -12.44
N SER C 22 15.02 2.49 -13.69
CA SER C 22 13.79 1.96 -14.25
C SER C 22 13.87 0.44 -14.41
N CYS C 23 12.73 -0.21 -14.22
CA CYS C 23 12.59 -1.65 -14.38
C CYS C 23 11.27 -1.88 -15.11
N ARG C 24 11.35 -2.23 -16.39
CA ARG C 24 10.18 -2.37 -17.24
C ARG C 24 10.00 -3.84 -17.64
N ALA C 25 8.75 -4.21 -17.88
CA ALA C 25 8.37 -5.61 -18.08
C ALA C 25 7.60 -5.78 -19.39
N SER C 26 7.47 -7.03 -19.80
CA SER C 26 6.67 -7.43 -20.95
C SER C 26 5.29 -7.92 -20.55
N GLN C 27 4.78 -7.47 -19.41
CA GLN C 27 3.49 -7.89 -18.89
C GLN C 27 3.14 -7.02 -17.70
N SER C 28 1.85 -6.75 -17.53
CA SER C 28 1.39 -5.92 -16.42
C SER C 28 1.56 -6.65 -15.10
N VAL C 29 2.71 -6.48 -14.47
CA VAL C 29 3.00 -7.11 -13.19
C VAL C 29 2.40 -6.25 -12.07
N PRO C 30 1.63 -6.82 -11.15
CA PRO C 30 1.09 -6.03 -10.05
C PRO C 30 2.20 -5.51 -9.15
N SER C 31 1.97 -4.32 -8.59
CA SER C 31 2.98 -3.69 -7.74
C SER C 31 3.38 -4.57 -6.57
N SER C 32 2.47 -5.42 -6.09
CA SER C 32 2.76 -6.27 -4.94
C SER C 32 3.76 -7.38 -5.25
N TYR C 33 4.07 -7.61 -6.53
CA TYR C 33 5.01 -8.66 -6.92
C TYR C 33 6.39 -8.12 -7.28
N LEU C 34 6.63 -6.83 -7.07
CA LEU C 34 7.88 -6.19 -7.46
C LEU C 34 8.73 -5.91 -6.24
N ALA C 35 10.02 -6.19 -6.33
CA ALA C 35 10.96 -5.93 -5.25
C ALA C 35 12.29 -5.45 -5.83
N TRP C 36 13.05 -4.74 -5.00
CA TRP C 36 14.34 -4.20 -5.37
C TRP C 36 15.40 -4.67 -4.37
N TYR C 37 16.57 -5.02 -4.89
CA TYR C 37 17.69 -5.45 -4.07
C TYR C 37 18.91 -4.62 -4.40
N GLN C 38 19.71 -4.32 -3.37
CA GLN C 38 20.93 -3.54 -3.50
C GLN C 38 22.11 -4.41 -3.13
N GLN C 39 23.08 -4.51 -4.03
CA GLN C 39 24.30 -5.30 -3.80
C GLN C 39 25.50 -4.39 -3.92
N LYS C 40 26.16 -4.13 -2.80
CA LYS C 40 27.43 -3.42 -2.79
C LYS C 40 28.57 -4.41 -2.98
N PRO C 41 29.72 -3.96 -3.46
CA PRO C 41 30.81 -4.89 -3.80
C PRO C 41 31.18 -5.79 -2.63
N GLY C 42 31.46 -7.06 -2.96
CA GLY C 42 31.86 -8.03 -1.97
C GLY C 42 30.77 -8.51 -1.04
N GLN C 43 29.61 -7.85 -1.00
CA GLN C 43 28.54 -8.20 -0.08
C GLN C 43 27.42 -8.93 -0.80
N ALA C 44 26.60 -9.62 -0.01
CA ALA C 44 25.40 -10.24 -0.53
C ALA C 44 24.37 -9.16 -0.86
N PRO C 45 23.37 -9.48 -1.69
CA PRO C 45 22.29 -8.52 -1.93
C PRO C 45 21.51 -8.24 -0.65
N ARG C 46 20.93 -7.04 -0.60
CA ARG C 46 20.11 -6.62 0.53
C ARG C 46 18.74 -6.21 0.00
N LEU C 47 17.69 -6.68 0.67
CA LEU C 47 16.34 -6.28 0.29
C LEU C 47 16.17 -4.79 0.54
N LEU C 48 15.89 -4.04 -0.54
CA LEU C 48 15.79 -2.59 -0.47
C LEU C 48 14.33 -2.12 -0.40
N ILE C 49 13.55 -2.41 -1.44
CA ILE C 49 12.13 -2.07 -1.49
C ILE C 49 11.37 -3.33 -1.89
N TYR C 50 10.22 -3.55 -1.25
CA TYR C 50 9.33 -4.63 -1.64
C TYR C 50 7.93 -4.07 -1.84
N GLY C 51 7.10 -4.83 -2.55
CA GLY C 51 5.79 -4.34 -2.92
C GLY C 51 5.84 -3.08 -3.77
N ALA C 52 6.88 -2.95 -4.59
CA ALA C 52 7.10 -1.82 -5.50
C ALA C 52 7.40 -0.51 -4.76
N SER C 53 6.82 -0.33 -3.57
CA SER C 53 6.95 0.95 -2.89
C SER C 53 7.22 0.86 -1.40
N THR C 54 7.15 -0.32 -0.77
CA THR C 54 7.33 -0.43 0.67
C THR C 54 8.81 -0.56 1.00
N ARG C 55 9.33 0.43 1.71
CA ARG C 55 10.73 0.42 2.12
C ARG C 55 10.98 -0.68 3.14
N ALA C 56 12.08 -1.42 2.97
CA ALA C 56 12.39 -2.52 3.85
C ALA C 56 12.88 -1.99 5.21
N THR C 57 13.15 -2.91 6.13
CA THR C 57 13.56 -2.52 7.47
C THR C 57 14.98 -1.99 7.46
N GLY C 58 15.20 -0.85 8.13
CA GLY C 58 16.51 -0.28 8.22
C GLY C 58 17.00 0.45 6.98
N ILE C 59 16.17 0.55 5.95
CA ILE C 59 16.57 1.21 4.71
C ILE C 59 16.37 2.70 4.86
N PRO C 60 17.34 3.53 4.47
CA PRO C 60 17.20 4.99 4.64
C PRO C 60 16.00 5.54 3.89
N ASP C 61 15.54 6.71 4.35
CA ASP C 61 14.37 7.36 3.77
C ASP C 61 14.60 7.81 2.34
N ARG C 62 15.85 8.01 1.92
CA ARG C 62 16.11 8.50 0.58
C ARG C 62 15.76 7.48 -0.49
N PHE C 63 15.77 6.19 -0.14
CA PHE C 63 15.36 5.15 -1.07
C PHE C 63 13.84 5.05 -1.09
N SER C 64 13.24 5.27 -2.26
CA SER C 64 11.80 5.17 -2.42
C SER C 64 11.49 4.53 -3.77
N GLY C 65 10.56 3.60 -3.76
CA GLY C 65 10.14 2.91 -4.97
C GLY C 65 8.73 3.31 -5.36
N SER C 66 8.46 3.27 -6.67
CA SER C 66 7.14 3.57 -7.19
C SER C 66 7.04 2.97 -8.58
N GLY C 67 5.83 3.00 -9.13
CA GLY C 67 5.57 2.42 -10.43
C GLY C 67 4.59 1.28 -10.38
N SER C 68 4.02 0.93 -11.52
CA SER C 68 3.02 -0.13 -11.59
C SER C 68 2.88 -0.60 -13.02
N GLY C 69 2.43 -1.83 -13.19
CA GLY C 69 2.19 -2.39 -14.50
C GLY C 69 3.44 -2.83 -15.23
N THR C 70 3.87 -2.05 -16.22
CA THR C 70 5.03 -2.37 -17.03
C THR C 70 6.18 -1.39 -16.82
N ASP C 71 6.15 -0.59 -15.76
CA ASP C 71 7.21 0.38 -15.52
C ASP C 71 7.29 0.65 -14.01
N PHE C 72 8.45 0.32 -13.43
CA PHE C 72 8.71 0.55 -12.02
C PHE C 72 9.97 1.40 -11.88
N THR C 73 9.99 2.24 -10.85
CA THR C 73 11.05 3.22 -10.69
C THR C 73 11.61 3.16 -9.28
N LEU C 74 12.94 3.08 -9.19
CA LEU C 74 13.66 3.23 -7.93
C LEU C 74 14.29 4.62 -7.91
N THR C 75 13.93 5.41 -6.90
CA THR C 75 14.42 6.77 -6.75
C THR C 75 15.35 6.85 -5.56
N ILE C 76 16.53 7.42 -5.77
CA ILE C 76 17.50 7.63 -4.70
C ILE C 76 17.70 9.13 -4.61
N SER C 77 16.84 9.80 -3.87
CA SER C 77 17.03 11.23 -3.60
C SER C 77 18.26 11.43 -2.72
N ARG C 78 18.90 12.59 -2.88
CA ARG C 78 20.08 12.96 -2.11
C ARG C 78 21.11 11.82 -2.13
N LEU C 79 21.62 11.56 -3.34
CA LEU C 79 22.56 10.47 -3.54
C LEU C 79 23.80 10.67 -2.67
N GLU C 80 24.32 9.57 -2.14
CA GLU C 80 25.45 9.58 -1.23
C GLU C 80 26.56 8.68 -1.76
N PRO C 81 27.81 8.95 -1.38
CA PRO C 81 28.93 8.09 -1.82
C PRO C 81 28.75 6.63 -1.44
N GLU C 82 28.08 6.34 -0.33
CA GLU C 82 27.88 4.96 0.08
C GLU C 82 26.78 4.25 -0.71
N ASP C 83 26.09 4.95 -1.61
CA ASP C 83 25.07 4.34 -2.43
C ASP C 83 25.64 3.65 -3.67
N PHE C 84 26.97 3.65 -3.83
CA PHE C 84 27.63 2.92 -4.90
C PHE C 84 27.32 1.44 -4.80
N ALA C 85 26.57 0.91 -5.76
CA ALA C 85 26.15 -0.49 -5.74
C ALA C 85 25.55 -0.84 -7.09
N VAL C 86 25.11 -2.08 -7.22
CA VAL C 86 24.27 -2.54 -8.33
C VAL C 86 22.89 -2.83 -7.76
N TYR C 87 21.86 -2.37 -8.46
CA TYR C 87 20.48 -2.50 -7.99
C TYR C 87 19.72 -3.43 -8.93
N TYR C 88 19.16 -4.49 -8.37
CA TYR C 88 18.40 -5.48 -9.12
C TYR C 88 16.92 -5.34 -8.77
N CYS C 89 16.07 -5.35 -9.79
CA CYS C 89 14.65 -5.57 -9.53
C CYS C 89 14.33 -7.05 -9.67
N GLN C 90 13.28 -7.47 -8.98
CA GLN C 90 12.95 -8.88 -8.89
C GLN C 90 11.44 -9.04 -8.81
N HIS C 91 10.92 -10.08 -9.46
CA HIS C 91 9.49 -10.34 -9.44
C HIS C 91 9.26 -11.84 -9.48
N TYR C 92 7.99 -12.22 -9.33
CA TYR C 92 7.57 -13.61 -9.27
C TYR C 92 6.35 -13.79 -10.15
N ASP C 93 6.45 -14.67 -11.14
CA ASP C 93 5.29 -15.11 -11.89
C ASP C 93 5.01 -16.54 -11.46
N THR C 94 5.62 -17.55 -12.09
CA THR C 94 5.60 -18.91 -11.57
C THR C 94 6.92 -19.30 -10.91
N SER C 95 7.88 -18.39 -10.88
CA SER C 95 9.17 -18.63 -10.25
C SER C 95 9.87 -17.28 -10.06
N PRO C 96 10.86 -17.19 -9.19
CA PRO C 96 11.55 -15.91 -8.99
C PRO C 96 12.44 -15.58 -10.18
N ARG C 97 12.29 -14.36 -10.72
CA ARG C 97 13.12 -13.88 -11.80
C ARG C 97 13.78 -12.57 -11.39
N PHE C 98 15.05 -12.41 -11.76
CA PHE C 98 15.82 -11.21 -11.46
C PHE C 98 16.06 -10.41 -12.74
N GLY C 99 16.12 -9.08 -12.58
CA GLY C 99 16.55 -8.23 -13.66
C GLY C 99 18.06 -8.28 -13.85
N GLY C 100 18.52 -7.61 -14.92
CA GLY C 100 19.94 -7.60 -15.22
C GLY C 100 20.76 -6.72 -14.31
N GLY C 101 20.12 -5.83 -13.56
CA GLY C 101 20.84 -4.97 -12.63
C GLY C 101 21.30 -3.67 -13.25
N THR C 102 21.32 -2.63 -12.44
CA THR C 102 21.80 -1.31 -12.84
C THR C 102 22.92 -0.90 -11.90
N LYS C 103 24.08 -0.58 -12.47
CA LYS C 103 25.23 -0.11 -11.70
C LYS C 103 25.12 1.40 -11.50
N VAL C 104 25.29 1.85 -10.26
CA VAL C 104 25.21 3.26 -9.91
C VAL C 104 26.60 3.72 -9.54
N ASP C 105 27.25 4.45 -10.44
CA ASP C 105 28.52 5.09 -10.17
C ASP C 105 28.29 6.51 -9.63
N ILE C 106 29.32 7.06 -9.00
CA ILE C 106 29.22 8.33 -8.29
C ILE C 106 30.32 9.25 -8.81
N LYS C 107 29.92 10.36 -9.42
CA LYS C 107 30.86 11.35 -9.92
C LYS C 107 31.42 12.18 -8.77
N ARG C 108 32.64 12.68 -8.97
CA ARG C 108 33.29 13.53 -7.99
C ARG C 108 34.35 14.36 -8.71
N THR C 109 34.97 15.27 -7.98
CA THR C 109 36.00 16.12 -8.56
C THR C 109 37.21 15.30 -8.98
N VAL C 110 37.95 15.83 -9.95
CA VAL C 110 39.13 15.13 -10.46
C VAL C 110 40.20 15.08 -9.37
N ALA C 111 40.74 13.89 -9.14
CA ALA C 111 41.76 13.67 -8.13
C ALA C 111 42.96 13.00 -8.78
N ALA C 112 44.13 13.66 -8.68
CA ALA C 112 45.33 13.07 -9.24
C ALA C 112 45.81 11.93 -8.36
N PRO C 113 46.34 10.85 -8.95
CA PRO C 113 46.79 9.71 -8.15
C PRO C 113 48.12 9.96 -7.49
N SER C 114 48.32 9.31 -6.34
CA SER C 114 49.63 9.22 -5.71
C SER C 114 50.33 7.97 -6.24
N VAL C 115 51.50 8.15 -6.85
CA VAL C 115 52.20 7.07 -7.53
C VAL C 115 53.33 6.57 -6.63
N PHE C 116 53.40 5.25 -6.47
CA PHE C 116 54.45 4.58 -5.72
C PHE C 116 54.95 3.40 -6.52
N ILE C 117 56.26 3.17 -6.49
CA ILE C 117 56.87 2.03 -7.15
C ILE C 117 57.54 1.15 -6.09
N PHE C 118 57.50 -0.16 -6.31
CA PHE C 118 58.03 -1.12 -5.35
C PHE C 118 58.94 -2.09 -6.08
N PRO C 119 60.21 -2.19 -5.71
CA PRO C 119 61.09 -3.22 -6.28
C PRO C 119 60.69 -4.60 -5.78
N PRO C 120 61.14 -5.66 -6.44
CA PRO C 120 60.88 -7.00 -5.92
C PRO C 120 61.66 -7.27 -4.64
N SER C 121 61.14 -8.20 -3.86
CA SER C 121 61.72 -8.56 -2.57
C SER C 121 62.81 -9.60 -2.74
N ASP C 122 63.78 -9.59 -1.81
CA ASP C 122 64.83 -10.60 -1.84
C ASP C 122 64.26 -12.01 -1.67
N GLU C 123 63.21 -12.14 -0.86
CA GLU C 123 62.57 -13.44 -0.69
C GLU C 123 62.03 -13.96 -2.01
N GLN C 124 61.40 -13.10 -2.80
CA GLN C 124 60.91 -13.52 -4.11
C GLN C 124 62.06 -13.78 -5.07
N LEU C 125 63.13 -12.98 -4.97
CA LEU C 125 64.28 -13.17 -5.85
C LEU C 125 64.96 -14.51 -5.59
N LYS C 126 64.93 -15.00 -4.34
CA LYS C 126 65.44 -16.33 -4.04
C LYS C 126 64.63 -17.42 -4.73
N SER C 127 63.40 -17.12 -5.15
CA SER C 127 62.55 -18.08 -5.82
C SER C 127 62.77 -18.13 -7.33
N GLY C 128 63.44 -17.12 -7.89
CA GLY C 128 63.70 -17.08 -9.33
C GLY C 128 62.83 -16.12 -10.11
N THR C 129 61.85 -15.47 -9.47
CA THR C 129 60.97 -14.54 -10.14
C THR C 129 61.13 -13.15 -9.52
N ALA C 130 60.79 -12.13 -10.30
CA ALA C 130 60.85 -10.74 -9.84
C ALA C 130 59.60 -10.02 -10.32
N SER C 131 58.81 -9.50 -9.38
CA SER C 131 57.63 -8.71 -9.68
C SER C 131 57.86 -7.28 -9.24
N VAL C 132 57.63 -6.33 -10.15
CA VAL C 132 57.73 -4.91 -9.87
C VAL C 132 56.31 -4.34 -9.85
N VAL C 133 55.97 -3.62 -8.79
CA VAL C 133 54.61 -3.13 -8.56
C VAL C 133 54.61 -1.62 -8.64
N CYS C 134 53.69 -1.07 -9.43
CA CYS C 134 53.44 0.36 -9.54
C CYS C 134 52.04 0.63 -9.01
N LEU C 135 51.91 1.55 -8.06
CA LEU C 135 50.66 1.81 -7.36
C LEU C 135 50.16 3.21 -7.68
N LEU C 136 48.91 3.29 -8.16
CA LEU C 136 48.20 4.55 -8.36
C LEU C 136 47.08 4.62 -7.33
N ASN C 137 47.22 5.50 -6.34
CA ASN C 137 46.36 5.50 -5.16
C ASN C 137 45.38 6.67 -5.18
N ASN C 138 44.10 6.35 -5.02
CA ASN C 138 43.02 7.31 -4.75
C ASN C 138 42.97 8.42 -5.80
N PHE C 139 42.47 8.06 -6.97
CA PHE C 139 42.36 8.99 -8.09
C PHE C 139 40.96 8.91 -8.69
N TYR C 140 40.67 9.86 -9.58
CA TYR C 140 39.40 9.92 -10.29
C TYR C 140 39.58 10.89 -11.45
N PRO C 141 39.09 10.56 -12.66
CA PRO C 141 38.31 9.37 -13.05
C PRO C 141 39.13 8.10 -13.14
N ARG C 142 38.52 7.01 -13.62
CA ARG C 142 39.20 5.72 -13.70
C ARG C 142 40.22 5.65 -14.81
N GLU C 143 40.08 6.46 -15.86
CA GLU C 143 41.02 6.41 -16.98
C GLU C 143 42.41 6.81 -16.52
N ALA C 144 43.36 5.88 -16.64
CA ALA C 144 44.75 6.16 -16.32
C ALA C 144 45.62 5.33 -17.25
N LYS C 145 46.81 5.85 -17.55
CA LYS C 145 47.77 5.17 -18.41
C LYS C 145 49.04 4.90 -17.61
N VAL C 146 49.47 3.65 -17.57
CA VAL C 146 50.67 3.23 -16.86
C VAL C 146 51.62 2.61 -17.88
N GLN C 147 52.77 3.24 -18.07
CA GLN C 147 53.80 2.77 -18.99
C GLN C 147 55.02 2.31 -18.20
N TRP C 148 55.52 1.12 -18.53
CA TRP C 148 56.72 0.58 -17.90
C TRP C 148 57.93 0.84 -18.78
N LYS C 149 58.98 1.39 -18.20
CA LYS C 149 60.25 1.60 -18.88
C LYS C 149 61.36 0.93 -18.09
N VAL C 150 62.12 0.07 -18.77
CA VAL C 150 63.22 -0.67 -18.16
C VAL C 150 64.48 -0.29 -18.92
N ASP C 151 65.40 0.38 -18.23
CA ASP C 151 66.58 0.98 -18.86
C ASP C 151 66.16 1.89 -20.03
N ASN C 152 65.08 2.65 -19.80
CA ASN C 152 64.53 3.64 -20.71
C ASN C 152 63.86 3.02 -21.94
N ALA C 153 63.61 1.71 -21.93
CA ALA C 153 62.94 1.03 -23.03
C ALA C 153 61.51 0.70 -22.61
N LEU C 154 60.54 1.12 -23.41
CA LEU C 154 59.14 0.89 -23.11
C LEU C 154 58.82 -0.60 -23.18
N GLN C 155 58.34 -1.16 -22.08
CA GLN C 155 58.02 -2.58 -21.98
C GLN C 155 56.51 -2.77 -22.07
N SER C 156 56.09 -3.74 -22.88
CA SER C 156 54.68 -4.10 -22.97
C SER C 156 54.57 -5.60 -23.15
N GLY C 157 53.46 -6.15 -22.67
CA GLY C 157 53.19 -7.56 -22.80
C GLY C 157 53.64 -8.43 -21.65
N ASN C 158 54.19 -7.83 -20.58
CA ASN C 158 54.59 -8.59 -19.41
C ASN C 158 54.10 -7.95 -18.12
N SER C 159 53.04 -7.14 -18.20
CA SER C 159 52.45 -6.49 -17.04
C SER C 159 50.94 -6.72 -17.04
N GLN C 160 50.36 -6.68 -15.85
CA GLN C 160 48.92 -6.80 -15.66
C GLN C 160 48.43 -5.71 -14.73
N GLU C 161 47.17 -5.31 -14.92
CA GLU C 161 46.59 -4.24 -14.14
C GLU C 161 45.36 -4.72 -13.37
N SER C 162 45.18 -4.18 -12.18
CA SER C 162 44.02 -4.46 -11.34
C SER C 162 43.52 -3.15 -10.75
N VAL C 163 42.23 -2.88 -10.90
CA VAL C 163 41.62 -1.65 -10.40
CA VAL C 163 41.62 -1.65 -10.40
C VAL C 163 40.57 -2.03 -9.35
N THR C 164 40.56 -1.30 -8.25
CA THR C 164 39.55 -1.54 -7.24
C THR C 164 38.22 -0.94 -7.67
N GLU C 165 37.15 -1.40 -7.02
CA GLU C 165 35.86 -0.76 -7.18
C GLU C 165 35.90 0.65 -6.58
N GLN C 166 34.91 1.46 -6.97
CA GLN C 166 34.84 2.82 -6.46
C GLN C 166 34.68 2.82 -4.95
N ASP C 167 35.52 3.59 -4.27
CA ASP C 167 35.52 3.61 -2.81
C ASP C 167 34.18 4.13 -2.28
N SER C 168 33.61 3.40 -1.32
CA SER C 168 32.29 3.74 -0.81
C SER C 168 32.27 5.03 0.01
N LYS C 169 33.41 5.67 0.24
CA LYS C 169 33.47 6.87 1.05
C LYS C 169 33.95 8.08 0.27
N ASP C 170 35.04 7.97 -0.49
CA ASP C 170 35.57 9.08 -1.27
C ASP C 170 35.37 8.90 -2.77
N SER C 171 34.84 7.76 -3.20
CA SER C 171 34.48 7.53 -4.61
C SER C 171 35.69 7.59 -5.53
N THR C 172 36.87 7.28 -5.02
CA THR C 172 38.08 7.20 -5.85
C THR C 172 38.38 5.76 -6.19
N TYR C 173 39.25 5.60 -7.19
CA TYR C 173 39.77 4.30 -7.59
C TYR C 173 41.24 4.19 -7.18
N SER C 174 41.72 2.95 -7.13
CA SER C 174 43.14 2.66 -6.96
C SER C 174 43.54 1.57 -7.94
N LEU C 175 44.77 1.65 -8.43
CA LEU C 175 45.23 0.79 -9.50
C LEU C 175 46.63 0.29 -9.21
N SER C 176 46.88 -0.98 -9.53
CA SER C 176 48.19 -1.58 -9.44
C SER C 176 48.58 -2.16 -10.80
N SER C 177 49.81 -1.91 -11.22
CA SER C 177 50.37 -2.50 -12.43
C SER C 177 51.60 -3.31 -12.04
N THR C 178 51.59 -4.59 -12.37
CA THR C 178 52.62 -5.53 -11.91
C THR C 178 53.44 -6.01 -13.10
N LEU C 179 54.69 -5.57 -13.15
CA LEU C 179 55.64 -6.06 -14.15
C LEU C 179 56.23 -7.37 -13.66
N THR C 180 56.10 -8.43 -14.45
CA THR C 180 56.58 -9.75 -14.09
C THR C 180 57.80 -10.10 -14.93
N LEU C 181 58.94 -10.28 -14.28
CA LEU C 181 60.18 -10.69 -14.93
C LEU C 181 60.76 -11.90 -14.20
N SER C 182 61.72 -12.54 -14.84
CA SER C 182 62.52 -13.57 -14.20
C SER C 182 63.68 -12.92 -13.46
N LYS C 183 64.20 -13.64 -12.47
CA LYS C 183 65.36 -13.13 -11.73
C LYS C 183 66.52 -12.85 -12.68
N ALA C 184 66.70 -13.68 -13.71
CA ALA C 184 67.76 -13.46 -14.69
C ALA C 184 67.56 -12.14 -15.42
N ASP C 185 66.36 -11.90 -15.95
CA ASP C 185 66.10 -10.67 -16.68
C ASP C 185 66.11 -9.45 -15.77
N TYR C 186 65.74 -9.63 -14.50
CA TYR C 186 65.70 -8.49 -13.58
C TYR C 186 67.11 -7.98 -13.28
N GLU C 187 68.04 -8.89 -12.98
CA GLU C 187 69.40 -8.49 -12.66
C GLU C 187 70.17 -7.96 -13.88
N LYS C 188 69.56 -7.94 -15.06
CA LYS C 188 70.23 -7.48 -16.28
C LYS C 188 69.96 -6.02 -16.59
N HIS C 189 69.17 -5.33 -15.78
CA HIS C 189 68.85 -3.93 -16.01
C HIS C 189 68.95 -3.17 -14.70
N LYS C 190 69.21 -1.87 -14.81
CA LYS C 190 69.40 -1.02 -13.63
C LYS C 190 68.20 -0.13 -13.33
N VAL C 191 67.71 0.61 -14.33
CA VAL C 191 66.69 1.63 -14.12
C VAL C 191 65.31 1.05 -14.44
N TYR C 192 64.46 1.00 -13.42
CA TYR C 192 63.06 0.59 -13.58
C TYR C 192 62.17 1.76 -13.20
N ALA C 193 61.16 2.02 -14.03
CA ALA C 193 60.31 3.18 -13.84
C ALA C 193 58.94 2.94 -14.45
N CYS C 194 57.89 3.42 -13.77
CA CYS C 194 56.54 3.43 -14.32
CA CYS C 194 56.54 3.43 -14.32
C CYS C 194 56.09 4.88 -14.48
N GLU C 195 55.56 5.20 -15.66
CA GLU C 195 55.14 6.55 -16.00
C GLU C 195 53.62 6.60 -16.03
N VAL C 196 53.04 7.47 -15.20
CA VAL C 196 51.60 7.56 -15.01
C VAL C 196 51.12 8.87 -15.62
N THR C 197 50.19 8.78 -16.56
CA THR C 197 49.53 9.93 -17.15
C THR C 197 48.07 9.91 -16.74
N HIS C 198 47.57 11.05 -16.27
CA HIS C 198 46.21 11.13 -15.74
C HIS C 198 45.69 12.55 -15.93
N GLN C 199 44.37 12.69 -15.92
CA GLN C 199 43.76 14.00 -16.13
C GLN C 199 44.13 14.97 -15.01
N GLY C 200 44.21 14.48 -13.79
CA GLY C 200 44.60 15.31 -12.65
C GLY C 200 46.05 15.73 -12.62
N LEU C 201 46.88 15.22 -13.54
CA LEU C 201 48.28 15.59 -13.63
C LEU C 201 48.50 16.44 -14.86
N SER C 202 49.15 17.61 -14.68
CA SER C 202 49.45 18.45 -15.82
C SER C 202 50.51 17.81 -16.72
N SER C 203 51.45 17.07 -16.13
CA SER C 203 52.46 16.33 -16.86
C SER C 203 52.56 14.93 -16.26
N PRO C 204 52.98 13.95 -17.05
CA PRO C 204 53.08 12.57 -16.53
C PRO C 204 54.01 12.50 -15.32
N VAL C 205 53.66 11.65 -14.37
CA VAL C 205 54.47 11.38 -13.19
C VAL C 205 55.25 10.10 -13.43
N THR C 206 56.55 10.15 -13.21
CA THR C 206 57.42 8.99 -13.30
C THR C 206 57.99 8.66 -11.92
N LYS C 207 57.82 7.42 -11.49
CA LYS C 207 58.43 6.91 -10.27
C LYS C 207 59.41 5.81 -10.66
N SER C 208 60.65 5.95 -10.23
CA SER C 208 61.72 5.05 -10.67
C SER C 208 62.56 4.60 -9.49
N PHE C 209 63.38 3.58 -9.74
CA PHE C 209 64.37 3.12 -8.78
C PHE C 209 65.49 2.43 -9.54
N ASN C 210 66.68 2.43 -8.94
CA ASN C 210 67.82 1.71 -9.48
C ASN C 210 67.99 0.41 -8.71
N ARG C 211 68.15 -0.69 -9.44
CA ARG C 211 68.28 -2.00 -8.82
C ARG C 211 69.49 -2.04 -7.91
N GLY C 212 69.27 -2.47 -6.67
CA GLY C 212 70.30 -2.55 -5.66
C GLY C 212 70.36 -1.35 -4.72
N GLU C 213 69.96 -0.18 -5.19
CA GLU C 213 70.03 1.04 -4.38
C GLU C 213 68.79 1.22 -3.53
N GLN D 1 -20.04 -6.86 21.75
CA GLN D 1 -20.70 -5.79 21.01
C GLN D 1 -19.68 -4.76 20.52
N VAL D 2 -19.68 -4.51 19.21
CA VAL D 2 -18.73 -3.57 18.64
C VAL D 2 -19.11 -2.15 19.03
N GLN D 3 -18.12 -1.37 19.45
CA GLN D 3 -18.37 0.00 19.88
C GLN D 3 -17.24 0.90 19.40
N LEU D 4 -17.60 2.04 18.83
CA LEU D 4 -16.64 3.05 18.38
C LEU D 4 -17.06 4.38 19.00
N VAL D 5 -16.24 4.91 19.90
CA VAL D 5 -16.56 6.12 20.65
C VAL D 5 -15.58 7.20 20.23
N GLN D 6 -16.09 8.22 19.53
CA GLN D 6 -15.25 9.29 19.01
C GLN D 6 -15.15 10.43 20.01
N SER D 7 -14.13 11.26 19.82
CA SER D 7 -13.93 12.43 20.66
C SER D 7 -15.04 13.45 20.45
N GLY D 8 -15.07 14.45 21.33
CA GLY D 8 -16.17 15.40 21.35
C GLY D 8 -16.11 16.42 20.23
N ALA D 9 -17.15 17.25 20.19
CA ALA D 9 -17.25 18.28 19.16
C ALA D 9 -16.11 19.28 19.29
N GLU D 10 -15.61 19.73 18.14
CA GLU D 10 -14.47 20.63 18.07
C GLU D 10 -14.86 21.91 17.33
N VAL D 11 -14.29 23.02 17.78
CA VAL D 11 -14.45 24.33 17.13
C VAL D 11 -13.05 24.87 16.85
N LYS D 12 -12.67 24.89 15.58
CA LYS D 12 -11.34 25.35 15.17
C LYS D 12 -11.46 26.60 14.32
N LYS D 13 -10.36 27.38 14.28
CA LYS D 13 -10.28 28.58 13.48
C LYS D 13 -9.60 28.29 12.14
N PRO D 14 -9.90 29.06 11.10
CA PRO D 14 -9.38 28.77 9.76
C PRO D 14 -7.85 28.78 9.73
N GLY D 15 -7.28 27.67 9.28
CA GLY D 15 -5.84 27.49 9.21
C GLY D 15 -5.31 26.53 10.26
N ALA D 16 -6.00 26.37 11.37
CA ALA D 16 -5.57 25.47 12.43
C ALA D 16 -5.78 24.02 12.00
N SER D 17 -5.49 23.09 12.91
CA SER D 17 -5.68 21.67 12.67
C SER D 17 -6.51 21.08 13.80
N VAL D 18 -7.13 19.94 13.52
CA VAL D 18 -7.96 19.23 14.47
C VAL D 18 -7.61 17.74 14.42
N LYS D 19 -7.56 17.10 15.58
CA LYS D 19 -7.27 15.67 15.67
C LYS D 19 -8.45 14.98 16.35
N VAL D 20 -9.17 14.17 15.58
CA VAL D 20 -10.35 13.47 16.06
C VAL D 20 -9.96 12.03 16.38
N SER D 21 -10.33 11.55 17.57
CA SER D 21 -10.01 10.20 18.00
C SER D 21 -11.24 9.29 17.88
N CYS D 22 -10.99 7.99 17.97
CA CYS D 22 -12.02 6.97 17.81
C CYS D 22 -11.60 5.76 18.63
N LYS D 23 -12.24 5.56 19.78
CA LYS D 23 -11.88 4.47 20.68
C LYS D 23 -12.72 3.25 20.36
N ALA D 24 -12.05 2.14 20.04
CA ALA D 24 -12.71 0.90 19.65
C ALA D 24 -12.75 -0.07 20.82
N SER D 25 -13.70 -1.00 20.76
CA SER D 25 -13.84 -2.03 21.78
C SER D 25 -14.75 -3.12 21.24
N GLY D 26 -14.71 -4.27 21.92
CA GLY D 26 -15.57 -5.38 21.55
C GLY D 26 -15.11 -6.20 20.36
N TYR D 27 -13.87 -6.03 19.91
CA TYR D 27 -13.35 -6.82 18.81
C TYR D 27 -11.84 -6.69 18.79
N ILE D 28 -11.20 -7.52 17.98
CA ILE D 28 -9.74 -7.51 17.86
C ILE D 28 -9.36 -6.34 16.94
N PHE D 29 -8.71 -5.33 17.52
CA PHE D 29 -8.50 -4.07 16.83
C PHE D 29 -7.64 -4.22 15.58
N ILE D 30 -6.64 -5.10 15.64
CA ILE D 30 -5.64 -5.17 14.57
C ILE D 30 -6.22 -5.81 13.30
N ARG D 31 -7.16 -6.74 13.44
CA ARG D 31 -7.68 -7.47 12.30
C ARG D 31 -8.57 -6.63 11.39
N TYR D 32 -8.78 -5.35 11.66
CA TYR D 32 -9.75 -4.55 10.92
C TYR D 32 -9.13 -3.21 10.51
N GLY D 33 -9.74 -2.61 9.50
CA GLY D 33 -9.33 -1.29 9.01
C GLY D 33 -10.36 -0.24 9.37
N ILE D 34 -9.88 0.98 9.61
CA ILE D 34 -10.72 2.08 10.05
C ILE D 34 -10.74 3.14 8.96
N SER D 35 -11.93 3.47 8.47
CA SER D 35 -12.12 4.54 7.49
C SER D 35 -12.71 5.77 8.16
N TRP D 36 -12.44 6.93 7.58
CA TRP D 36 -13.01 8.19 8.03
C TRP D 36 -13.90 8.74 6.92
N VAL D 37 -15.17 8.96 7.25
CA VAL D 37 -16.15 9.48 6.32
C VAL D 37 -16.77 10.72 6.93
N ARG D 38 -16.76 11.83 6.19
CA ARG D 38 -17.31 13.08 6.70
C ARG D 38 -18.58 13.43 5.92
N GLN D 39 -19.35 14.35 6.52
CA GLN D 39 -20.67 14.70 5.98
C GLN D 39 -20.89 16.18 6.28
N ALA D 40 -20.73 17.02 5.26
CA ALA D 40 -21.00 18.43 5.42
C ALA D 40 -22.49 18.65 5.69
N PRO D 41 -22.85 19.75 6.36
CA PRO D 41 -24.27 19.97 6.71
C PRO D 41 -25.21 19.87 5.51
N GLY D 42 -26.12 18.89 5.55
CA GLY D 42 -27.07 18.69 4.48
C GLY D 42 -26.42 18.25 3.18
N GLN D 43 -25.52 17.28 3.25
CA GLN D 43 -24.83 16.77 2.07
C GLN D 43 -24.77 15.26 2.15
N GLY D 44 -24.03 14.65 1.23
CA GLY D 44 -23.81 13.21 1.24
C GLY D 44 -22.57 12.83 2.03
N LEU D 45 -22.36 11.53 2.15
CA LEU D 45 -21.19 11.01 2.83
C LEU D 45 -19.99 11.03 1.88
N GLU D 46 -18.81 11.28 2.46
CA GLU D 46 -17.60 11.49 1.67
C GLU D 46 -16.43 10.77 2.35
N TRP D 47 -15.80 9.85 1.62
CA TRP D 47 -14.74 9.03 2.17
C TRP D 47 -13.43 9.80 2.16
N MET D 48 -12.86 10.05 3.34
CA MET D 48 -11.60 10.75 3.45
C MET D 48 -10.40 9.84 3.20
N GLY D 49 -10.51 8.59 3.63
CA GLY D 49 -9.38 7.69 3.55
C GLY D 49 -9.56 6.57 4.58
N TRP D 50 -8.49 5.80 4.74
CA TRP D 50 -8.56 4.68 5.66
C TRP D 50 -7.15 4.32 6.15
N ILE D 51 -7.13 3.58 7.26
CA ILE D 51 -5.89 3.16 7.91
C ILE D 51 -6.03 1.69 8.27
N SER D 52 -5.02 0.89 7.94
CA SER D 52 -4.98 -0.50 8.33
C SER D 52 -4.27 -0.62 9.68
N ALA D 53 -4.94 -1.27 10.64
CA ALA D 53 -4.45 -1.27 12.02
C ALA D 53 -3.17 -2.07 12.16
N ASN D 54 -3.02 -3.15 11.39
CA ASN D 54 -1.86 -4.03 11.55
C ASN D 54 -0.58 -3.34 11.12
N ASN D 55 -0.53 -2.85 9.89
CA ASN D 55 0.72 -2.31 9.36
C ASN D 55 0.79 -0.79 9.40
N GLY D 56 -0.35 -0.10 9.45
CA GLY D 56 -0.35 1.34 9.34
C GLY D 56 -0.47 1.86 7.92
N TYR D 57 -0.76 1.00 6.96
CA TYR D 57 -0.93 1.43 5.57
C TYR D 57 -2.11 2.38 5.47
N THR D 58 -1.94 3.44 4.68
CA THR D 58 -2.95 4.47 4.51
C THR D 58 -3.25 4.69 3.03
N ASN D 59 -4.52 4.97 2.75
CA ASN D 59 -4.96 5.51 1.46
C ASN D 59 -5.80 6.74 1.75
N TYR D 60 -5.48 7.84 1.09
CA TYR D 60 -6.23 9.08 1.25
C TYR D 60 -6.97 9.40 -0.04
N ALA D 61 -8.03 10.21 0.10
CA ALA D 61 -8.70 10.77 -1.06
C ALA D 61 -7.85 11.88 -1.64
N GLN D 62 -7.81 11.96 -2.98
CA GLN D 62 -6.82 12.81 -3.64
C GLN D 62 -6.96 14.28 -3.25
N LYS D 63 -8.16 14.75 -2.94
CA LYS D 63 -8.32 16.15 -2.58
C LYS D 63 -7.84 16.46 -1.16
N LEU D 64 -7.74 15.44 -0.31
CA LEU D 64 -7.20 15.59 1.04
C LEU D 64 -5.76 15.13 1.15
N GLN D 65 -5.16 14.65 0.05
CA GLN D 65 -3.79 14.16 0.08
C GLN D 65 -2.84 15.26 0.52
N GLY D 66 -1.94 14.92 1.44
CA GLY D 66 -1.02 15.88 2.02
C GLY D 66 -1.63 16.76 3.08
N ARG D 67 -2.96 16.77 3.23
CA ARG D 67 -3.63 17.58 4.22
C ARG D 67 -4.24 16.77 5.37
N VAL D 68 -4.41 15.46 5.17
CA VAL D 68 -4.99 14.59 6.19
C VAL D 68 -3.95 13.53 6.57
N THR D 69 -4.01 13.12 7.83
CA THR D 69 -3.11 12.09 8.35
C THR D 69 -3.88 11.20 9.34
N MET D 70 -3.80 9.90 9.13
CA MET D 70 -4.47 8.93 9.99
C MET D 70 -3.43 8.03 10.65
N THR D 71 -3.55 7.88 11.96
CA THR D 71 -2.63 7.05 12.73
C THR D 71 -3.43 6.12 13.63
N THR D 72 -2.77 5.04 14.05
CA THR D 72 -3.39 4.00 14.86
C THR D 72 -2.52 3.73 16.08
N ASP D 73 -3.07 3.95 17.26
CA ASP D 73 -2.40 3.62 18.52
C ASP D 73 -2.89 2.24 18.93
N THR D 74 -2.18 1.20 18.47
CA THR D 74 -2.56 -0.17 18.78
C THR D 74 -2.52 -0.44 20.28
N SER D 75 -1.71 0.31 21.03
CA SER D 75 -1.63 0.09 22.47
C SER D 75 -2.88 0.52 23.22
N THR D 76 -3.70 1.41 22.64
CA THR D 76 -4.93 1.87 23.27
C THR D 76 -6.15 1.63 22.40
N SER D 77 -6.01 0.85 21.33
CA SER D 77 -7.13 0.52 20.43
C SER D 77 -7.87 1.78 19.98
N THR D 78 -7.10 2.79 19.59
CA THR D 78 -7.64 4.09 19.23
C THR D 78 -7.10 4.51 17.87
N ALA D 79 -7.99 4.97 17.00
CA ALA D 79 -7.61 5.52 15.71
C ALA D 79 -7.72 7.04 15.77
N TYR D 80 -6.85 7.72 15.02
CA TYR D 80 -6.82 9.17 14.99
C TYR D 80 -6.91 9.65 13.55
N MET D 81 -7.54 10.82 13.39
CA MET D 81 -7.60 11.52 12.12
C MET D 81 -7.15 12.95 12.37
N GLU D 82 -6.22 13.43 11.55
CA GLU D 82 -5.67 14.78 11.68
C GLU D 82 -5.87 15.52 10.37
N LEU D 83 -6.59 16.63 10.42
CA LEU D 83 -6.84 17.47 9.26
C LEU D 83 -6.26 18.85 9.52
N ARG D 84 -5.40 19.31 8.62
CA ARG D 84 -4.70 20.58 8.77
C ARG D 84 -5.20 21.58 7.74
N SER D 85 -4.74 22.83 7.89
CA SER D 85 -5.11 23.94 7.00
C SER D 85 -6.63 23.99 6.81
N LEU D 86 -7.35 23.98 7.93
CA LEU D 86 -8.80 23.89 7.87
C LEU D 86 -9.40 25.11 7.20
N ARG D 87 -10.37 24.86 6.33
CA ARG D 87 -11.15 25.90 5.66
C ARG D 87 -12.60 25.79 6.11
N SER D 88 -13.42 26.77 5.68
CA SER D 88 -14.82 26.77 6.06
C SER D 88 -15.54 25.54 5.52
N ASP D 89 -15.19 25.09 4.32
CA ASP D 89 -15.86 23.94 3.72
C ASP D 89 -15.49 22.62 4.38
N ASP D 90 -14.58 22.61 5.35
CA ASP D 90 -14.28 21.42 6.13
C ASP D 90 -15.21 21.26 7.32
N THR D 91 -16.16 22.17 7.51
CA THR D 91 -17.17 22.02 8.55
C THR D 91 -18.07 20.85 8.23
N ALA D 92 -18.07 19.83 9.10
CA ALA D 92 -18.81 18.61 8.84
C ALA D 92 -18.85 17.78 10.11
N VAL D 93 -19.66 16.72 10.06
CA VAL D 93 -19.61 15.66 11.05
C VAL D 93 -18.67 14.58 10.53
N TYR D 94 -17.73 14.15 11.37
CA TYR D 94 -16.69 13.21 10.96
C TYR D 94 -16.92 11.88 11.67
N TYR D 95 -17.11 10.82 10.88
CA TYR D 95 -17.34 9.48 11.39
C TYR D 95 -16.10 8.62 11.18
N CYS D 96 -15.78 7.80 12.17
CA CYS D 96 -14.93 6.65 11.93
C CYS D 96 -15.83 5.45 11.64
N ALA D 97 -15.31 4.51 10.86
CA ALA D 97 -16.08 3.33 10.46
C ALA D 97 -15.12 2.18 10.22
N ARG D 98 -15.31 1.09 10.96
CA ARG D 98 -14.54 -0.12 10.70
C ARG D 98 -15.17 -0.88 9.55
N ASP D 99 -14.33 -1.63 8.83
CA ASP D 99 -14.80 -2.46 7.73
C ASP D 99 -14.98 -3.89 8.21
N GLY D 100 -15.21 -4.81 7.26
CA GLY D 100 -15.43 -6.20 7.62
C GLY D 100 -14.20 -6.92 8.14
N GLY D 101 -13.02 -6.37 7.91
CA GLY D 101 -11.79 -6.96 8.38
C GLY D 101 -11.03 -7.69 7.29
N ILE D 102 -9.82 -8.12 7.66
CA ILE D 102 -8.92 -8.76 6.70
C ILE D 102 -9.51 -10.06 6.17
N LEU D 103 -10.36 -10.73 6.96
CA LEU D 103 -10.90 -12.01 6.55
C LEU D 103 -11.96 -11.85 5.47
N THR D 104 -12.83 -10.87 5.61
CA THR D 104 -13.84 -10.60 4.59
C THR D 104 -13.39 -9.56 3.57
N GLY D 105 -12.29 -8.86 3.83
CA GLY D 105 -11.76 -7.91 2.88
C GLY D 105 -11.84 -6.47 3.38
N TYR D 106 -10.69 -5.81 3.46
CA TYR D 106 -10.66 -4.40 3.86
C TYR D 106 -11.47 -3.57 2.87
N LEU D 107 -12.16 -2.55 3.39
CA LEU D 107 -12.87 -1.53 2.62
C LEU D 107 -14.02 -2.07 1.79
N ASP D 108 -14.39 -3.34 1.93
CA ASP D 108 -15.49 -3.88 1.13
C ASP D 108 -16.84 -3.31 1.57
N TYR D 109 -16.99 -3.01 2.86
CA TYR D 109 -18.19 -2.39 3.41
C TYR D 109 -17.83 -1.87 4.79
N PHE D 110 -18.74 -1.09 5.37
CA PHE D 110 -18.56 -0.51 6.70
C PHE D 110 -19.69 -1.02 7.59
N ASP D 111 -19.38 -1.98 8.46
CA ASP D 111 -20.42 -2.61 9.27
C ASP D 111 -20.65 -1.92 10.61
N HIS D 112 -19.75 -1.04 11.04
CA HIS D 112 -19.92 -0.36 12.32
C HIS D 112 -19.36 1.06 12.20
N TRP D 113 -20.07 2.01 12.81
CA TRP D 113 -19.72 3.43 12.73
C TRP D 113 -19.68 4.04 14.12
N GLY D 114 -18.84 5.06 14.27
CA GLY D 114 -18.86 5.86 15.48
C GLY D 114 -20.06 6.79 15.51
N GLN D 115 -20.22 7.47 16.65
CA GLN D 115 -21.38 8.35 16.82
C GLN D 115 -21.23 9.68 16.09
N GLY D 116 -20.03 10.00 15.61
CA GLY D 116 -19.83 11.25 14.89
C GLY D 116 -19.20 12.34 15.72
N THR D 117 -18.26 13.08 15.13
CA THR D 117 -17.63 14.22 15.76
C THR D 117 -17.85 15.44 14.88
N LEU D 118 -18.50 16.46 15.43
CA LEU D 118 -18.77 17.69 14.70
C LEU D 118 -17.58 18.62 14.80
N VAL D 119 -17.07 19.07 13.64
CA VAL D 119 -15.95 19.98 13.56
C VAL D 119 -16.41 21.24 12.85
N THR D 120 -16.39 22.36 13.56
CA THR D 120 -16.84 23.64 13.03
C THR D 120 -15.63 24.53 12.82
N VAL D 121 -15.45 24.99 11.58
CA VAL D 121 -14.36 25.90 11.22
C VAL D 121 -14.96 27.26 10.91
N SER D 122 -14.60 28.26 11.71
CA SER D 122 -15.11 29.61 11.53
C SER D 122 -14.11 30.60 12.11
N SER D 123 -14.06 31.78 11.50
CA SER D 123 -13.17 32.84 11.97
C SER D 123 -13.72 33.53 13.22
N ALA D 124 -15.01 33.38 13.49
CA ALA D 124 -15.63 34.11 14.59
C ALA D 124 -15.22 33.52 15.94
N SER D 125 -15.36 34.35 16.96
CA SER D 125 -15.16 33.96 18.35
C SER D 125 -16.53 33.84 19.03
N THR D 126 -16.53 33.62 20.33
CA THR D 126 -17.78 33.51 21.08
C THR D 126 -18.49 34.86 21.10
N LYS D 127 -19.68 34.90 20.52
CA LYS D 127 -20.45 36.14 20.39
C LYS D 127 -21.90 35.88 20.76
N GLY D 128 -22.48 36.79 21.53
CA GLY D 128 -23.87 36.72 21.90
C GLY D 128 -24.77 37.12 20.74
N PRO D 129 -25.98 36.57 20.71
CA PRO D 129 -26.89 36.83 19.59
C PRO D 129 -27.56 38.20 19.70
N SER D 130 -27.86 38.77 18.55
CA SER D 130 -28.78 39.89 18.43
C SER D 130 -30.16 39.35 18.06
N VAL D 131 -31.18 39.82 18.76
CA VAL D 131 -32.54 39.33 18.59
C VAL D 131 -33.39 40.45 18.02
N PHE D 132 -33.92 40.23 16.82
CA PHE D 132 -34.75 41.23 16.17
C PHE D 132 -36.17 40.71 16.02
N PRO D 133 -37.18 41.58 16.16
CA PRO D 133 -38.57 41.12 16.06
C PRO D 133 -38.99 40.93 14.61
N LEU D 134 -39.80 39.91 14.39
CA LEU D 134 -40.48 39.71 13.11
C LEU D 134 -41.91 40.20 13.29
N ALA D 135 -42.15 41.44 12.88
CA ALA D 135 -43.40 42.12 13.21
C ALA D 135 -44.59 41.41 12.56
N PRO D 136 -45.66 41.15 13.29
CA PRO D 136 -46.85 40.56 12.68
C PRO D 136 -47.52 41.54 11.72
N SER D 137 -47.93 41.03 10.56
CA SER D 137 -48.51 41.87 9.53
C SER D 137 -49.83 42.47 9.99
N SER D 138 -50.10 43.69 9.52
CA SER D 138 -51.31 44.42 9.88
C SER D 138 -52.50 43.93 9.05
N GLY D 144 -58.67 33.77 10.64
CA GLY D 144 -58.00 34.95 11.16
C GLY D 144 -56.77 34.62 12.01
N THR D 145 -55.76 34.04 11.37
CA THR D 145 -54.51 33.69 12.03
C THR D 145 -53.37 34.49 11.43
N ALA D 146 -52.50 35.01 12.29
CA ALA D 146 -51.34 35.77 11.89
C ALA D 146 -50.09 35.21 12.57
N ALA D 147 -48.92 35.52 12.00
CA ALA D 147 -47.66 34.96 12.45
C ALA D 147 -46.70 36.07 12.85
N LEU D 148 -45.99 35.84 13.95
CA LEU D 148 -44.92 36.71 14.41
C LEU D 148 -43.73 35.84 14.83
N GLY D 149 -42.61 36.47 15.12
CA GLY D 149 -41.44 35.69 15.48
C GLY D 149 -40.26 36.55 15.87
N CYS D 150 -39.14 35.87 16.10
CA CYS D 150 -37.88 36.48 16.47
C CYS D 150 -36.79 36.01 15.51
N LEU D 151 -35.90 36.93 15.15
CA LEU D 151 -34.72 36.60 14.35
C LEU D 151 -33.51 36.59 15.29
N VAL D 152 -32.92 35.41 15.48
CA VAL D 152 -31.77 35.22 16.34
C VAL D 152 -30.54 35.19 15.43
N LYS D 153 -29.84 36.30 15.36
CA LYS D 153 -28.84 36.51 14.30
C LYS D 153 -27.46 36.76 14.88
N ASP D 154 -26.45 36.21 14.20
CA ASP D 154 -25.04 36.52 14.46
C ASP D 154 -24.56 36.09 15.84
N TYR D 155 -24.69 34.80 16.16
CA TYR D 155 -24.16 34.23 17.38
C TYR D 155 -23.21 33.08 17.04
N PHE D 156 -22.41 32.70 18.03
CA PHE D 156 -21.40 31.66 17.87
C PHE D 156 -20.82 31.29 19.23
N PRO D 157 -20.64 30.00 19.53
CA PRO D 157 -21.08 28.89 18.68
C PRO D 157 -22.48 28.41 19.04
N GLU D 158 -22.87 27.25 18.52
CA GLU D 158 -24.14 26.66 18.88
C GLU D 158 -24.10 26.18 20.33
N PRO D 159 -25.27 26.04 20.97
CA PRO D 159 -26.59 26.37 20.46
C PRO D 159 -27.28 27.52 21.21
N VAL D 160 -28.37 28.02 20.64
CA VAL D 160 -29.29 28.90 21.34
C VAL D 160 -30.59 28.12 21.57
N THR D 161 -31.29 28.48 22.64
CA THR D 161 -32.60 27.93 22.92
C THR D 161 -33.60 29.07 22.97
N VAL D 162 -34.71 28.91 22.26
CA VAL D 162 -35.75 29.93 22.15
C VAL D 162 -37.04 29.39 22.72
N SER D 163 -37.64 30.14 23.65
CA SER D 163 -38.96 29.86 24.15
C SER D 163 -39.83 31.10 24.00
N TRP D 164 -41.13 30.94 24.15
CA TRP D 164 -42.08 32.02 23.99
C TRP D 164 -42.91 32.18 25.26
N ASN D 165 -43.02 33.42 25.73
CA ASN D 165 -43.77 33.75 26.94
C ASN D 165 -43.29 32.94 28.14
N SER D 166 -41.98 32.70 28.19
CA SER D 166 -41.34 31.94 29.27
C SER D 166 -41.90 30.53 29.36
N GLY D 167 -42.14 29.91 28.21
CA GLY D 167 -42.57 28.53 28.16
C GLY D 167 -44.08 28.32 28.18
N ALA D 168 -44.87 29.38 28.42
CA ALA D 168 -46.31 29.23 28.46
C ALA D 168 -46.95 29.12 27.08
N LEU D 169 -46.19 29.32 26.01
CA LEU D 169 -46.71 29.27 24.65
C LEU D 169 -45.81 28.35 23.82
N THR D 170 -46.29 27.14 23.54
CA THR D 170 -45.59 26.20 22.67
C THR D 170 -46.41 25.77 21.46
N SER D 171 -47.73 25.84 21.51
CA SER D 171 -48.55 25.41 20.38
C SER D 171 -48.34 26.34 19.19
N GLY D 172 -48.06 25.73 18.04
CA GLY D 172 -47.83 26.49 16.82
C GLY D 172 -46.47 27.14 16.72
N VAL D 173 -45.51 26.72 17.54
CA VAL D 173 -44.16 27.29 17.52
C VAL D 173 -43.28 26.45 16.61
N HIS D 174 -42.54 27.11 15.74
CA HIS D 174 -41.53 26.46 14.91
C HIS D 174 -40.22 27.22 15.08
N THR D 175 -39.24 26.57 15.70
CA THR D 175 -37.89 27.10 15.80
C THR D 175 -37.01 26.38 14.78
N PHE D 176 -36.49 27.12 13.82
CA PHE D 176 -35.82 26.52 12.68
C PHE D 176 -34.38 26.14 13.01
N PRO D 177 -33.82 25.19 12.27
CA PRO D 177 -32.40 24.87 12.43
C PRO D 177 -31.54 26.09 12.11
N ALA D 178 -30.41 26.19 12.81
CA ALA D 178 -29.49 27.29 12.59
C ALA D 178 -28.66 27.04 11.33
N VAL D 179 -28.47 28.10 10.55
CA VAL D 179 -27.57 28.06 9.41
C VAL D 179 -26.26 28.71 9.84
N LEU D 180 -25.18 28.36 9.13
CA LEU D 180 -23.89 29.00 9.31
C LEU D 180 -23.69 29.98 8.15
N GLN D 181 -23.83 31.27 8.44
CA GLN D 181 -23.72 32.28 7.40
C GLN D 181 -22.29 32.38 6.89
N SER D 182 -22.12 33.13 5.80
CA SER D 182 -20.79 33.33 5.22
C SER D 182 -19.85 34.09 6.16
N SER D 183 -20.39 34.77 7.16
CA SER D 183 -19.58 35.49 8.14
C SER D 183 -18.97 34.58 9.20
N GLY D 184 -19.34 33.30 9.23
CA GLY D 184 -18.92 32.42 10.29
C GLY D 184 -19.79 32.46 11.52
N LEU D 185 -20.87 33.23 11.51
CA LEU D 185 -21.80 33.33 12.62
C LEU D 185 -23.08 32.57 12.30
N TYR D 186 -23.72 32.03 13.33
CA TYR D 186 -24.95 31.28 13.16
C TYR D 186 -26.16 32.21 13.18
N SER D 187 -27.16 31.87 12.37
CA SER D 187 -28.41 32.59 12.33
C SER D 187 -29.56 31.59 12.39
N LEU D 188 -30.73 32.09 12.81
CA LEU D 188 -31.87 31.26 13.12
C LEU D 188 -33.05 32.17 13.41
N SER D 189 -34.25 31.66 13.18
CA SER D 189 -35.46 32.39 13.54
C SER D 189 -36.50 31.43 14.09
N SER D 190 -37.30 31.94 15.02
CA SER D 190 -38.41 31.20 15.61
C SER D 190 -39.69 31.96 15.37
N VAL D 191 -40.74 31.25 14.96
CA VAL D 191 -42.02 31.86 14.63
C VAL D 191 -43.13 31.11 15.36
N VAL D 192 -44.29 31.76 15.45
CA VAL D 192 -45.48 31.17 16.05
C VAL D 192 -46.69 31.89 15.46
N THR D 193 -47.67 31.10 15.02
CA THR D 193 -48.93 31.66 14.52
C THR D 193 -49.88 31.87 15.69
N VAL D 194 -50.52 33.03 15.72
CA VAL D 194 -51.41 33.41 16.83
C VAL D 194 -52.67 34.02 16.25
N PRO D 195 -53.74 34.08 17.04
CA PRO D 195 -54.98 34.71 16.56
C PRO D 195 -54.75 36.16 16.17
N SER D 196 -55.26 36.54 15.01
CA SER D 196 -55.15 37.91 14.53
C SER D 196 -55.88 38.91 15.41
N SER D 197 -56.74 38.43 16.31
CA SER D 197 -57.57 39.30 17.14
C SER D 197 -56.89 39.73 18.43
N SER D 198 -55.92 38.95 18.92
CA SER D 198 -55.30 39.20 20.22
C SER D 198 -53.97 39.93 20.10
N LEU D 199 -53.80 40.73 19.05
CA LEU D 199 -52.51 41.38 18.82
C LEU D 199 -52.28 42.53 19.79
N GLY D 200 -53.26 43.42 19.92
CA GLY D 200 -53.12 44.57 20.79
C GLY D 200 -53.58 44.31 22.22
N THR D 201 -53.61 43.04 22.61
CA THR D 201 -54.05 42.66 23.95
C THR D 201 -53.05 41.72 24.61
N GLN D 202 -52.74 40.61 23.95
CA GLN D 202 -51.83 39.61 24.50
C GLN D 202 -50.39 39.94 24.16
N THR D 203 -49.51 39.79 25.15
CA THR D 203 -48.09 40.06 24.99
C THR D 203 -47.39 38.81 24.49
N TYR D 204 -46.53 38.98 23.48
CA TYR D 204 -45.73 37.88 22.93
C TYR D 204 -44.26 38.25 23.06
N ILE D 205 -43.53 37.47 23.85
CA ILE D 205 -42.11 37.70 24.11
C ILE D 205 -41.36 36.40 23.86
N CYS D 206 -40.30 36.47 23.06
CA CYS D 206 -39.43 35.33 22.83
C CYS D 206 -38.23 35.42 23.77
N ASN D 207 -37.81 34.27 24.30
CA ASN D 207 -36.74 34.19 25.28
C ASN D 207 -35.56 33.47 24.63
N VAL D 208 -34.54 34.22 24.26
CA VAL D 208 -33.34 33.67 23.64
C VAL D 208 -32.26 33.54 24.70
N ASN D 209 -31.72 32.33 24.83
CA ASN D 209 -30.66 32.05 25.80
C ASN D 209 -29.49 31.41 25.06
N HIS D 210 -28.31 32.00 25.24
CA HIS D 210 -27.08 31.52 24.60
C HIS D 210 -26.06 31.27 25.69
N LYS D 211 -26.01 30.02 26.18
CA LYS D 211 -25.09 29.67 27.25
C LYS D 211 -23.61 29.85 26.88
N PRO D 212 -23.15 29.56 25.63
CA PRO D 212 -21.72 29.76 25.34
C PRO D 212 -21.20 31.16 25.61
N SER D 213 -22.09 32.14 25.77
CA SER D 213 -21.69 33.51 26.06
C SER D 213 -22.41 34.09 27.27
N ASN D 214 -23.21 33.30 27.99
CA ASN D 214 -24.01 33.78 29.12
C ASN D 214 -24.88 34.96 28.70
N THR D 215 -25.55 34.80 27.57
CA THR D 215 -26.43 35.81 27.01
C THR D 215 -27.88 35.37 27.15
N LYS D 216 -28.74 36.29 27.59
CA LYS D 216 -30.14 35.99 27.84
C LYS D 216 -30.95 37.21 27.44
N VAL D 217 -31.65 37.13 26.31
CA VAL D 217 -32.36 38.27 25.72
C VAL D 217 -33.85 37.95 25.66
N ASP D 218 -34.66 38.87 26.19
CA ASP D 218 -36.11 38.80 26.10
C ASP D 218 -36.59 39.94 25.22
N LYS D 219 -37.21 39.60 24.09
CA LYS D 219 -37.59 40.56 23.06
C LYS D 219 -39.10 40.53 22.87
N LYS D 220 -39.73 41.69 23.02
CA LYS D 220 -41.17 41.79 22.80
C LYS D 220 -41.46 41.98 21.32
N VAL D 221 -42.41 41.22 20.80
CA VAL D 221 -42.82 41.28 19.40
C VAL D 221 -44.24 41.83 19.34
N GLU D 222 -44.38 42.99 18.72
CA GLU D 222 -45.66 43.68 18.59
C GLU D 222 -45.72 44.35 17.24
N PRO D 223 -46.93 44.58 16.70
CA PRO D 223 -47.04 45.17 15.36
C PRO D 223 -46.41 46.55 15.27
N LYS D 224 -45.83 46.83 14.11
CA LYS D 224 -45.17 48.12 13.89
C LYS D 224 -46.19 49.17 13.48
N SER D 225 -46.02 50.38 13.99
CA SER D 225 -46.93 51.48 13.70
C SER D 225 -46.26 52.55 12.85
N ASP E 1 -12.91 9.02 -10.81
CA ASP E 1 -13.72 8.91 -9.61
C ASP E 1 -15.15 8.49 -9.93
N ILE E 2 -15.50 7.27 -9.57
CA ILE E 2 -16.82 6.74 -9.88
C ILE E 2 -17.89 7.54 -9.15
N GLN E 3 -18.94 7.92 -9.87
CA GLN E 3 -20.02 8.73 -9.33
C GLN E 3 -21.26 7.87 -9.14
N MET E 4 -21.85 7.96 -7.94
CA MET E 4 -23.05 7.21 -7.59
C MET E 4 -24.24 8.15 -7.57
N THR E 5 -25.29 7.79 -8.31
CA THR E 5 -26.53 8.56 -8.35
C THR E 5 -27.69 7.69 -7.88
N GLN E 6 -28.67 8.32 -7.25
CA GLN E 6 -29.85 7.64 -6.75
C GLN E 6 -31.11 8.31 -7.29
N SER E 7 -32.13 7.50 -7.53
CA SER E 7 -33.44 8.00 -7.91
C SER E 7 -34.49 7.11 -7.26
N PRO E 8 -35.62 7.68 -6.82
CA PRO E 8 -35.88 9.12 -6.82
C PRO E 8 -35.03 9.87 -5.79
N SER E 9 -34.87 11.19 -5.99
CA SER E 9 -34.13 11.99 -5.02
C SER E 9 -34.83 12.08 -3.68
N SER E 10 -36.14 11.83 -3.64
CA SER E 10 -36.93 11.84 -2.43
C SER E 10 -38.15 10.96 -2.66
N LEU E 11 -38.74 10.50 -1.57
CA LEU E 11 -39.80 9.49 -1.70
C LEU E 11 -40.78 9.63 -0.55
N SER E 12 -42.07 9.69 -0.88
CA SER E 12 -43.15 9.68 0.10
C SER E 12 -43.80 8.32 0.12
N ALA E 13 -44.06 7.80 1.33
CA ALA E 13 -44.63 6.48 1.45
C ALA E 13 -45.42 6.36 2.75
N SER E 14 -46.24 5.33 2.82
CA SER E 14 -47.02 5.01 4.00
C SER E 14 -46.52 3.70 4.61
N VAL E 15 -46.89 3.48 5.87
CA VAL E 15 -46.57 2.22 6.54
C VAL E 15 -47.26 1.08 5.82
N GLY E 16 -46.50 0.04 5.49
CA GLY E 16 -47.01 -1.10 4.77
C GLY E 16 -46.80 -1.06 3.27
N ASP E 17 -46.33 0.06 2.74
CA ASP E 17 -46.06 0.17 1.32
C ASP E 17 -44.79 -0.60 0.94
N ARG E 18 -44.70 -0.94 -0.33
CA ARG E 18 -43.50 -1.56 -0.89
C ARG E 18 -42.61 -0.45 -1.43
N LEU E 19 -41.45 -0.26 -0.81
CA LEU E 19 -40.54 0.81 -1.17
C LEU E 19 -39.45 0.30 -2.09
N THR E 20 -39.11 1.11 -3.10
CA THR E 20 -38.05 0.76 -4.05
C THR E 20 -37.18 1.98 -4.29
N ILE E 21 -35.88 1.82 -4.10
CA ILE E 21 -34.91 2.89 -4.31
C ILE E 21 -33.87 2.41 -5.32
N THR E 22 -33.52 3.28 -6.26
CA THR E 22 -32.62 2.95 -7.35
C THR E 22 -31.28 3.65 -7.14
N CYS E 23 -30.20 2.93 -7.46
CA CYS E 23 -28.83 3.46 -7.40
C CYS E 23 -28.15 3.15 -8.72
N ARG E 24 -27.38 4.11 -9.23
CA ARG E 24 -26.70 3.98 -10.51
C ARG E 24 -25.25 4.42 -10.37
N ALA E 25 -24.35 3.67 -10.98
CA ALA E 25 -22.93 3.99 -11.01
C ALA E 25 -22.54 4.44 -12.41
N SER E 26 -21.59 5.38 -12.47
CA SER E 26 -21.15 5.91 -13.76
C SER E 26 -20.35 4.90 -14.58
N GLN E 27 -19.96 3.78 -13.97
CA GLN E 27 -19.32 2.69 -14.70
C GLN E 27 -19.50 1.42 -13.88
N SER E 28 -19.24 0.28 -14.53
CA SER E 28 -19.49 -1.01 -13.91
C SER E 28 -18.71 -1.15 -12.60
N ILE E 29 -19.42 -1.46 -11.53
CA ILE E 29 -18.82 -1.71 -10.22
C ILE E 29 -19.01 -3.17 -9.79
N ALA E 30 -19.44 -4.04 -10.71
CA ALA E 30 -19.66 -5.46 -10.46
C ALA E 30 -20.66 -5.59 -9.31
N SER E 31 -20.33 -6.28 -8.21
CA SER E 31 -21.24 -6.45 -7.10
C SER E 31 -20.84 -5.63 -5.88
N TYR E 32 -19.87 -4.73 -6.04
CA TYR E 32 -19.32 -3.99 -4.90
C TYR E 32 -20.18 -2.75 -4.64
N LEU E 33 -21.38 -3.02 -4.12
CA LEU E 33 -22.38 -2.01 -3.85
C LEU E 33 -23.02 -2.30 -2.51
N ASN E 34 -23.02 -1.30 -1.62
CA ASN E 34 -23.60 -1.43 -0.30
C ASN E 34 -24.71 -0.39 -0.11
N TRP E 35 -25.61 -0.68 0.81
CA TRP E 35 -26.71 0.21 1.17
C TRP E 35 -26.64 0.55 2.65
N TYR E 36 -26.85 1.82 2.98
CA TYR E 36 -26.83 2.29 4.35
C TYR E 36 -28.11 3.04 4.67
N GLN E 37 -28.54 2.93 5.92
CA GLN E 37 -29.65 3.71 6.45
C GLN E 37 -29.08 4.74 7.42
N GLN E 38 -29.67 5.94 7.43
CA GLN E 38 -29.24 6.98 8.35
C GLN E 38 -30.45 7.81 8.77
N LYS E 39 -30.66 7.90 10.07
CA LYS E 39 -31.71 8.74 10.63
C LYS E 39 -31.12 10.06 11.12
N PRO E 40 -31.92 11.13 11.16
CA PRO E 40 -31.38 12.45 11.50
C PRO E 40 -30.60 12.48 12.81
N GLY E 41 -29.34 12.91 12.73
CA GLY E 41 -28.49 13.06 13.90
C GLY E 41 -27.68 11.84 14.27
N LYS E 42 -28.01 10.67 13.72
CA LYS E 42 -27.31 9.44 14.05
C LYS E 42 -26.37 9.03 12.93
N ALA E 43 -25.59 7.98 13.19
CA ALA E 43 -24.63 7.50 12.23
C ALA E 43 -25.29 6.57 11.22
N PRO E 44 -24.68 6.37 10.05
CA PRO E 44 -25.20 5.39 9.10
C PRO E 44 -25.10 3.98 9.66
N LYS E 45 -25.98 3.12 9.16
CA LYS E 45 -26.01 1.71 9.56
C LYS E 45 -26.10 0.84 8.33
N LEU E 46 -25.27 -0.20 8.26
CA LEU E 46 -25.20 -1.05 7.09
C LEU E 46 -26.45 -1.91 6.97
N LEU E 47 -27.03 -1.94 5.78
CA LEU E 47 -28.22 -2.75 5.49
C LEU E 47 -27.90 -3.89 4.55
N ILE E 48 -27.37 -3.58 3.37
CA ILE E 48 -27.02 -4.56 2.36
C ILE E 48 -25.55 -4.38 2.01
N TYR E 49 -24.86 -5.50 1.83
CA TYR E 49 -23.52 -5.50 1.26
C TYR E 49 -23.48 -6.53 0.15
N ALA E 50 -22.47 -6.40 -0.72
CA ALA E 50 -22.34 -7.27 -1.90
C ALA E 50 -23.61 -7.22 -2.75
N ALA E 51 -24.20 -6.03 -2.84
CA ALA E 51 -25.36 -5.74 -3.68
C ALA E 51 -26.65 -6.40 -3.21
N SER E 52 -26.58 -7.62 -2.67
CA SER E 52 -27.82 -8.33 -2.36
C SER E 52 -27.82 -9.10 -1.04
N SER E 53 -26.70 -9.26 -0.35
CA SER E 53 -26.68 -10.04 0.88
C SER E 53 -26.97 -9.14 2.08
N LEU E 54 -27.65 -9.71 3.06
CA LEU E 54 -28.19 -8.97 4.19
C LEU E 54 -27.24 -8.99 5.37
N GLN E 55 -27.09 -7.85 6.04
CA GLN E 55 -26.28 -7.78 7.24
C GLN E 55 -26.97 -8.46 8.41
N SER E 56 -26.18 -8.94 9.35
CA SER E 56 -26.73 -9.55 10.56
C SER E 56 -27.54 -8.52 11.33
N GLY E 57 -28.71 -8.94 11.82
CA GLY E 57 -29.57 -8.08 12.59
C GLY E 57 -30.51 -7.19 11.80
N VAL E 58 -30.39 -7.19 10.48
CA VAL E 58 -31.26 -6.37 9.63
C VAL E 58 -32.52 -7.16 9.33
N PRO E 59 -33.70 -6.55 9.43
CA PRO E 59 -34.95 -7.29 9.16
C PRO E 59 -34.99 -7.85 7.76
N SER E 60 -35.77 -8.93 7.60
CA SER E 60 -35.85 -9.62 6.31
C SER E 60 -36.60 -8.82 5.26
N ARG E 61 -37.33 -7.78 5.64
CA ARG E 61 -38.05 -6.97 4.66
C ARG E 61 -37.11 -6.14 3.79
N PHE E 62 -35.84 -6.00 4.18
CA PHE E 62 -34.85 -5.33 3.35
C PHE E 62 -34.22 -6.32 2.39
N SER E 63 -34.09 -5.93 1.13
CA SER E 63 -33.41 -6.75 0.14
C SER E 63 -32.75 -5.86 -0.88
N GLY E 64 -31.71 -6.38 -1.51
CA GLY E 64 -31.04 -5.67 -2.59
C GLY E 64 -30.91 -6.55 -3.81
N SER E 65 -30.79 -5.90 -4.96
CA SER E 65 -30.49 -6.59 -6.21
C SER E 65 -29.58 -5.70 -7.04
N GLY E 66 -29.06 -6.25 -8.13
CA GLY E 66 -28.29 -5.46 -9.06
C GLY E 66 -26.85 -5.89 -9.24
N SER E 67 -26.29 -5.58 -10.41
CA SER E 67 -24.89 -5.84 -10.71
C SER E 67 -24.50 -4.98 -11.90
N GLY E 68 -23.27 -4.48 -11.87
CA GLY E 68 -22.78 -3.63 -12.94
C GLY E 68 -22.97 -2.16 -12.67
N THR E 69 -24.06 -1.58 -13.18
CA THR E 69 -24.34 -0.16 -13.01
C THR E 69 -25.66 0.15 -12.32
N ASP E 70 -26.65 -0.73 -12.41
CA ASP E 70 -27.99 -0.47 -11.89
C ASP E 70 -28.26 -1.38 -10.69
N PHE E 71 -28.63 -0.77 -9.57
CA PHE E 71 -28.89 -1.50 -8.34
C PHE E 71 -30.21 -1.04 -7.73
N THR E 72 -30.80 -1.91 -6.91
CA THR E 72 -32.12 -1.67 -6.36
C THR E 72 -32.19 -2.13 -4.91
N LEU E 73 -32.70 -1.24 -4.05
CA LEU E 73 -33.01 -1.57 -2.66
C LEU E 73 -34.52 -1.63 -2.51
N THR E 74 -35.02 -2.71 -1.91
CA THR E 74 -36.46 -2.93 -1.77
C THR E 74 -36.80 -3.20 -0.31
N ILE E 75 -37.79 -2.47 0.19
CA ILE E 75 -38.42 -2.74 1.48
C ILE E 75 -39.82 -3.25 1.18
N SER E 76 -40.07 -4.52 1.49
CA SER E 76 -41.33 -5.15 1.08
C SER E 76 -42.52 -4.54 1.79
N SER E 77 -42.41 -4.32 3.10
CA SER E 77 -43.48 -3.69 3.88
C SER E 77 -42.86 -2.68 4.83
N LEU E 78 -43.07 -1.40 4.52
CA LEU E 78 -42.45 -0.32 5.29
C LEU E 78 -43.01 -0.27 6.70
N GLN E 79 -42.14 -0.04 7.68
CA GLN E 79 -42.49 0.11 9.08
C GLN E 79 -42.15 1.52 9.53
N PRO E 80 -42.75 1.98 10.64
CA PRO E 80 -42.46 3.37 11.09
C PRO E 80 -40.99 3.64 11.32
N GLU E 81 -40.22 2.65 11.74
CA GLU E 81 -38.79 2.84 12.00
C GLU E 81 -37.94 2.81 10.74
N ASP E 82 -38.55 2.82 9.56
CA ASP E 82 -37.80 2.79 8.32
C ASP E 82 -37.76 4.14 7.61
N PHE E 83 -38.48 5.14 8.12
CA PHE E 83 -38.41 6.48 7.55
C PHE E 83 -37.05 7.08 7.89
N ALA E 84 -36.23 7.28 6.88
CA ALA E 84 -34.86 7.77 7.05
C ALA E 84 -34.31 8.08 5.66
N THR E 85 -33.03 8.43 5.61
CA THR E 85 -32.31 8.62 4.36
C THR E 85 -31.51 7.36 4.04
N TYR E 86 -31.54 6.94 2.78
CA TYR E 86 -30.88 5.72 2.35
C TYR E 86 -29.79 6.06 1.34
N HIS E 87 -28.56 5.64 1.64
CA HIS E 87 -27.41 5.88 0.78
C HIS E 87 -26.92 4.57 0.19
N CYS E 88 -26.50 4.61 -1.07
CA CYS E 88 -25.70 3.53 -1.64
C CYS E 88 -24.23 3.94 -1.68
N GLN E 89 -23.37 2.94 -1.79
CA GLN E 89 -21.92 3.17 -1.75
C GLN E 89 -21.24 2.08 -2.55
N GLN E 90 -20.28 2.47 -3.39
CA GLN E 90 -19.49 1.52 -4.16
C GLN E 90 -18.16 1.27 -3.47
N SER E 91 -17.72 0.02 -3.50
CA SER E 91 -16.41 -0.36 -3.00
C SER E 91 -15.54 -0.96 -4.09
N TYR E 92 -15.90 -0.71 -5.36
CA TYR E 92 -15.10 -1.23 -6.47
C TYR E 92 -13.74 -0.54 -6.56
N SER E 93 -13.64 0.70 -6.09
CA SER E 93 -12.39 1.46 -6.11
C SER E 93 -11.95 1.67 -4.67
N THR E 94 -10.93 0.93 -4.25
CA THR E 94 -10.37 1.10 -2.92
C THR E 94 -9.48 2.34 -2.81
N LEU E 95 -9.28 3.05 -3.91
CA LEU E 95 -8.59 4.34 -3.88
C LEU E 95 -9.56 5.51 -3.74
N GLY E 96 -10.84 5.30 -4.06
CA GLY E 96 -11.83 6.34 -3.96
C GLY E 96 -13.23 5.83 -3.71
N ILE E 97 -13.53 5.52 -2.45
CA ILE E 97 -14.89 5.16 -2.07
C ILE E 97 -15.81 6.35 -2.28
N THR E 98 -16.96 6.12 -2.91
CA THR E 98 -17.93 7.17 -3.15
C THR E 98 -19.32 6.68 -2.76
N PHE E 99 -20.12 7.62 -2.24
CA PHE E 99 -21.49 7.37 -1.82
C PHE E 99 -22.47 8.04 -2.78
N GLY E 100 -23.70 7.53 -2.78
CA GLY E 100 -24.78 8.20 -3.45
C GLY E 100 -25.20 9.43 -2.67
N PRO E 101 -26.04 10.27 -3.27
CA PRO E 101 -26.47 11.49 -2.57
C PRO E 101 -27.41 11.23 -1.41
N GLY E 102 -28.10 10.08 -1.39
CA GLY E 102 -29.03 9.79 -0.33
C GLY E 102 -30.47 10.11 -0.72
N THR E 103 -31.37 9.15 -0.51
CA THR E 103 -32.78 9.32 -0.78
C THR E 103 -33.54 9.34 0.54
N LYS E 104 -34.19 10.46 0.84
CA LYS E 104 -34.96 10.58 2.07
C LYS E 104 -36.38 10.05 1.84
N VAL E 105 -36.85 9.24 2.77
CA VAL E 105 -38.21 8.71 2.77
C VAL E 105 -38.96 9.35 3.91
N ASP E 106 -40.04 10.06 3.60
CA ASP E 106 -40.84 10.71 4.62
C ASP E 106 -42.26 10.15 4.62
N ILE E 107 -43.03 10.56 5.62
CA ILE E 107 -44.38 10.03 5.83
C ILE E 107 -45.33 10.71 4.85
N LYS E 108 -46.05 9.91 4.07
CA LYS E 108 -47.00 10.45 3.11
C LYS E 108 -48.25 10.94 3.83
N ARG E 109 -48.76 12.09 3.37
CA ARG E 109 -50.06 12.58 3.79
C ARG E 109 -50.71 13.31 2.63
N THR E 110 -51.92 13.80 2.85
CA THR E 110 -52.61 14.56 1.83
C THR E 110 -51.92 15.89 1.59
N VAL E 111 -52.17 16.48 0.42
CA VAL E 111 -51.53 17.74 0.07
C VAL E 111 -52.01 18.84 1.00
N ALA E 112 -51.10 19.74 1.35
CA ALA E 112 -51.40 20.88 2.21
C ALA E 112 -50.62 22.08 1.72
N ALA E 113 -51.33 23.13 1.33
CA ALA E 113 -50.67 24.33 0.85
C ALA E 113 -50.11 25.12 2.02
N PRO E 114 -49.00 25.81 1.83
CA PRO E 114 -48.40 26.59 2.92
C PRO E 114 -49.13 27.89 3.18
N SER E 115 -49.09 28.32 4.43
CA SER E 115 -49.46 29.68 4.80
C SER E 115 -48.22 30.55 4.67
N VAL E 116 -48.25 31.51 3.76
CA VAL E 116 -47.06 32.30 3.42
C VAL E 116 -47.15 33.65 4.13
N PHE E 117 -46.07 34.02 4.81
CA PHE E 117 -45.94 35.30 5.48
C PHE E 117 -44.61 35.93 5.09
N ILE E 118 -44.58 37.25 5.06
CA ILE E 118 -43.35 38.00 4.80
C ILE E 118 -43.15 39.00 5.93
N PHE E 119 -41.91 39.15 6.37
CA PHE E 119 -41.57 40.05 7.47
C PHE E 119 -40.50 41.03 7.02
N PRO E 120 -40.76 42.34 7.06
CA PRO E 120 -39.72 43.31 6.75
C PRO E 120 -38.67 43.34 7.84
N PRO E 121 -37.48 43.87 7.56
CA PRO E 121 -36.46 43.98 8.61
C PRO E 121 -36.86 45.02 9.66
N SER E 122 -36.62 44.67 10.92
CA SER E 122 -36.95 45.59 12.01
C SER E 122 -36.10 46.85 11.92
N ASP E 123 -36.61 47.94 12.51
CA ASP E 123 -35.82 49.16 12.59
C ASP E 123 -34.60 48.98 13.48
N GLU E 124 -34.69 48.08 14.47
N GLU E 124 -34.69 48.07 14.47
CA GLU E 124 -33.53 47.83 15.32
CA GLU E 124 -33.55 47.81 15.33
C GLU E 124 -32.39 47.22 14.53
C GLU E 124 -32.39 47.19 14.55
N GLN E 125 -32.70 46.33 13.58
CA GLN E 125 -31.65 45.72 12.77
C GLN E 125 -31.05 46.72 11.79
N LEU E 126 -31.88 47.61 11.25
CA LEU E 126 -31.37 48.59 10.28
C LEU E 126 -30.33 49.51 10.91
N LYS E 127 -30.42 49.76 12.22
CA LYS E 127 -29.42 50.57 12.90
C LYS E 127 -28.05 49.91 12.92
N SER E 128 -27.99 48.59 12.74
CA SER E 128 -26.72 47.88 12.76
C SER E 128 -26.02 47.86 11.40
N GLY E 129 -26.76 48.03 10.31
CA GLY E 129 -26.18 48.05 8.99
C GLY E 129 -26.48 46.86 8.11
N THR E 130 -27.42 46.00 8.50
CA THR E 130 -27.78 44.83 7.71
C THR E 130 -29.30 44.69 7.72
N ALA E 131 -29.84 44.22 6.60
CA ALA E 131 -31.28 44.05 6.45
C ALA E 131 -31.58 42.58 6.12
N SER E 132 -32.49 41.99 6.89
CA SER E 132 -32.92 40.62 6.67
C SER E 132 -34.42 40.60 6.41
N VAL E 133 -34.82 40.00 5.29
CA VAL E 133 -36.22 39.84 4.93
C VAL E 133 -36.55 38.35 5.02
N VAL E 134 -37.56 38.03 5.84
CA VAL E 134 -37.91 36.65 6.16
C VAL E 134 -39.25 36.32 5.51
N CYS E 135 -39.28 35.21 4.76
CA CYS E 135 -40.50 34.66 4.20
C CYS E 135 -40.74 33.31 4.87
N LEU E 136 -41.95 33.11 5.38
CA LEU E 136 -42.29 31.92 6.15
C LEU E 136 -43.30 31.08 5.38
N LEU E 137 -42.96 29.79 5.20
CA LEU E 137 -43.87 28.79 4.65
C LEU E 137 -44.22 27.84 5.78
N ASN E 138 -45.48 27.88 6.23
CA ASN E 138 -45.89 27.21 7.45
C ASN E 138 -46.85 26.07 7.14
N ASN E 139 -46.55 24.89 7.68
CA ASN E 139 -47.45 23.73 7.69
C ASN E 139 -47.91 23.36 6.27
N PHE E 140 -46.98 22.77 5.53
CA PHE E 140 -47.25 22.35 4.17
C PHE E 140 -46.72 20.94 3.92
N TYR E 141 -47.21 20.34 2.83
CA TYR E 141 -46.78 19.03 2.38
C TYR E 141 -47.16 18.90 0.92
N PRO E 142 -46.31 18.32 0.06
CA PRO E 142 -45.01 17.70 0.38
C PRO E 142 -43.88 18.71 0.61
N ARG E 143 -42.66 18.17 0.75
CA ARG E 143 -41.51 19.01 1.08
C ARG E 143 -41.13 19.93 -0.07
N GLU E 144 -41.33 19.48 -1.32
CA GLU E 144 -40.94 20.28 -2.48
C GLU E 144 -41.68 21.62 -2.48
N ALA E 145 -40.92 22.71 -2.51
CA ALA E 145 -41.50 24.05 -2.48
C ALA E 145 -40.43 25.03 -2.95
N LYS E 146 -40.78 25.86 -3.94
CA LYS E 146 -39.85 26.83 -4.50
C LYS E 146 -40.18 28.22 -3.96
N VAL E 147 -39.17 28.91 -3.45
CA VAL E 147 -39.31 30.24 -2.87
C VAL E 147 -38.42 31.19 -3.66
N GLN E 148 -39.02 32.16 -4.33
CA GLN E 148 -38.31 33.12 -5.16
C GLN E 148 -38.51 34.53 -4.63
N TRP E 149 -37.41 35.24 -4.42
CA TRP E 149 -37.45 36.63 -3.99
C TRP E 149 -37.41 37.56 -5.20
N LYS E 150 -38.24 38.60 -5.16
CA LYS E 150 -38.26 39.62 -6.19
C LYS E 150 -38.17 40.99 -5.53
N VAL E 151 -37.10 41.71 -5.82
CA VAL E 151 -36.86 43.06 -5.31
C VAL E 151 -37.05 44.00 -6.49
N ASP E 152 -38.18 44.71 -6.52
CA ASP E 152 -38.58 45.54 -7.65
C ASP E 152 -38.64 44.71 -8.94
N ASN E 153 -39.34 43.58 -8.86
CA ASN E 153 -39.56 42.66 -9.98
C ASN E 153 -38.26 42.07 -10.52
N ALA E 154 -37.21 42.05 -9.71
CA ALA E 154 -35.92 41.47 -10.10
C ALA E 154 -35.64 40.26 -9.21
N LEU E 155 -35.44 39.11 -9.85
CA LEU E 155 -35.12 37.91 -9.09
C LEU E 155 -33.77 38.05 -8.39
N GLN E 156 -33.70 37.54 -7.17
CA GLN E 156 -32.47 37.54 -6.39
C GLN E 156 -31.81 36.17 -6.48
N SER E 157 -30.49 36.15 -6.31
CA SER E 157 -29.73 34.91 -6.35
C SER E 157 -28.46 35.07 -5.51
N GLY E 158 -28.14 34.02 -4.76
CA GLY E 158 -26.96 34.01 -3.92
C GLY E 158 -27.06 34.81 -2.65
N ASN E 159 -28.22 35.41 -2.36
CA ASN E 159 -28.40 36.22 -1.16
C ASN E 159 -29.59 35.75 -0.35
N SER E 160 -29.92 34.46 -0.42
CA SER E 160 -31.01 33.90 0.37
C SER E 160 -30.65 32.48 0.79
N GLN E 161 -30.96 32.16 2.05
CA GLN E 161 -30.82 30.82 2.58
C GLN E 161 -32.15 30.40 3.18
N GLU E 162 -32.43 29.10 3.15
CA GLU E 162 -33.68 28.59 3.69
C GLU E 162 -33.43 27.41 4.61
N SER E 163 -34.09 27.42 5.77
CA SER E 163 -34.09 26.32 6.71
C SER E 163 -35.47 25.68 6.72
N VAL E 164 -35.51 24.38 7.01
CA VAL E 164 -36.75 23.63 7.06
C VAL E 164 -36.78 22.83 8.36
N THR E 165 -37.96 22.75 8.98
CA THR E 165 -38.12 21.92 10.15
C THR E 165 -38.21 20.45 9.76
N GLU E 166 -37.95 19.58 10.73
CA GLU E 166 -38.22 18.16 10.52
C GLU E 166 -39.72 17.95 10.34
N GLN E 167 -40.07 16.87 9.65
CA GLN E 167 -41.48 16.57 9.43
C GLN E 167 -42.19 16.41 10.77
N ASP E 168 -43.31 17.11 10.91
CA ASP E 168 -44.01 17.17 12.19
C ASP E 168 -44.56 15.80 12.59
N SER E 169 -44.55 15.54 13.90
CA SER E 169 -45.00 14.26 14.41
C SER E 169 -46.52 14.12 14.39
N LYS E 170 -47.23 15.24 14.54
CA LYS E 170 -48.69 15.19 14.61
C LYS E 170 -49.32 15.18 13.21
N ASP E 171 -49.06 16.23 12.43
CA ASP E 171 -49.72 16.41 11.15
C ASP E 171 -48.83 16.08 9.96
N SER E 172 -47.57 15.72 10.20
CA SER E 172 -46.64 15.28 9.14
C SER E 172 -46.39 16.37 8.10
N THR E 173 -46.45 17.63 8.52
CA THR E 173 -46.18 18.75 7.62
C THR E 173 -44.76 19.27 7.84
N TYR E 174 -44.34 20.16 6.94
CA TYR E 174 -43.09 20.88 7.06
C TYR E 174 -43.37 22.37 7.24
N SER E 175 -42.36 23.08 7.74
CA SER E 175 -42.37 24.53 7.78
C SER E 175 -41.01 25.02 7.34
N LEU E 176 -40.98 26.05 6.50
CA LEU E 176 -39.76 26.54 5.90
C LEU E 176 -39.67 28.05 6.05
N SER E 177 -38.46 28.53 6.36
CA SER E 177 -38.15 29.95 6.41
C SER E 177 -37.12 30.26 5.34
N SER E 178 -37.35 31.31 4.55
CA SER E 178 -36.39 31.80 3.58
C SER E 178 -35.96 33.19 4.01
N THR E 179 -34.65 33.37 4.21
CA THR E 179 -34.12 34.63 4.71
C THR E 179 -33.27 35.27 3.61
N LEU E 180 -33.74 36.42 3.12
CA LEU E 180 -33.01 37.21 2.14
C LEU E 180 -32.15 38.24 2.87
N THR E 181 -30.84 38.13 2.72
CA THR E 181 -29.90 39.02 3.41
C THR E 181 -29.40 40.08 2.44
N LEU E 182 -29.60 41.34 2.79
CA LEU E 182 -29.14 42.48 1.99
C LEU E 182 -28.35 43.42 2.87
N SER E 183 -27.53 44.25 2.23
CA SER E 183 -26.89 45.34 2.95
C SER E 183 -27.91 46.45 3.20
N LYS E 184 -27.67 47.21 4.28
CA LYS E 184 -28.58 48.30 4.61
C LYS E 184 -28.72 49.27 3.45
N ALA E 185 -27.61 49.57 2.77
CA ALA E 185 -27.67 50.47 1.62
C ALA E 185 -28.49 49.87 0.49
N ASP E 186 -28.27 48.59 0.18
CA ASP E 186 -28.99 47.94 -0.89
C ASP E 186 -30.49 47.89 -0.59
N TYR E 187 -30.86 47.66 0.67
CA TYR E 187 -32.26 47.51 1.02
C TYR E 187 -33.03 48.82 0.85
N GLU E 188 -32.40 49.95 1.16
CA GLU E 188 -33.08 51.23 1.10
C GLU E 188 -33.16 51.80 -0.31
N LYS E 189 -32.46 51.21 -1.28
CA LYS E 189 -32.50 51.68 -2.65
C LYS E 189 -33.68 51.14 -3.44
N HIS E 190 -34.49 50.26 -2.85
CA HIS E 190 -35.62 49.64 -3.53
C HIS E 190 -36.87 49.77 -2.68
N LYS E 191 -38.02 49.49 -3.29
CA LYS E 191 -39.32 49.69 -2.66
C LYS E 191 -40.09 48.39 -2.51
N VAL E 192 -40.37 47.68 -3.60
CA VAL E 192 -41.23 46.50 -3.56
C VAL E 192 -40.40 45.27 -3.22
N TYR E 193 -40.74 44.62 -2.11
CA TYR E 193 -40.13 43.36 -1.72
C TYR E 193 -41.22 42.29 -1.69
N ALA E 194 -40.97 41.17 -2.36
CA ALA E 194 -41.97 40.14 -2.54
C ALA E 194 -41.31 38.77 -2.51
N CYS E 195 -42.01 37.80 -1.92
CA CYS E 195 -41.60 36.40 -1.92
CA CYS E 195 -41.58 36.41 -1.97
C CYS E 195 -42.70 35.58 -2.59
N GLU E 196 -42.36 34.88 -3.66
CA GLU E 196 -43.32 34.11 -4.45
C GLU E 196 -43.09 32.62 -4.20
N VAL E 197 -44.14 31.94 -3.76
CA VAL E 197 -44.06 30.53 -3.39
C VAL E 197 -44.79 29.70 -4.44
N THR E 198 -44.11 28.67 -4.94
CA THR E 198 -44.70 27.70 -5.84
C THR E 198 -44.76 26.36 -5.13
N HIS E 199 -45.96 25.84 -4.91
CA HIS E 199 -46.14 24.60 -4.17
C HIS E 199 -47.24 23.79 -4.82
N GLN E 200 -47.18 22.46 -4.60
CA GLN E 200 -48.13 21.55 -5.21
C GLN E 200 -49.56 21.86 -4.78
N GLY E 201 -49.74 22.29 -3.53
CA GLY E 201 -51.06 22.62 -3.03
C GLY E 201 -51.60 23.97 -3.46
N LEU E 202 -50.80 24.75 -4.18
CA LEU E 202 -51.22 26.03 -4.74
C LEU E 202 -51.43 25.85 -6.24
N SER E 203 -52.67 26.07 -6.69
CA SER E 203 -52.96 25.97 -8.13
C SER E 203 -52.28 27.06 -8.92
N SER E 204 -51.82 28.13 -8.27
CA SER E 204 -51.06 29.19 -8.89
C SER E 204 -50.16 29.81 -7.82
N PRO E 205 -49.00 30.33 -8.20
CA PRO E 205 -48.05 30.81 -7.18
C PRO E 205 -48.62 31.96 -6.36
N VAL E 206 -48.38 31.90 -5.05
CA VAL E 206 -48.83 32.91 -4.11
C VAL E 206 -47.68 33.89 -3.86
N THR E 207 -47.97 35.18 -3.94
CA THR E 207 -46.98 36.23 -3.75
C THR E 207 -47.39 37.09 -2.56
N LYS E 208 -46.61 37.05 -1.49
CA LYS E 208 -46.76 37.95 -0.36
C LYS E 208 -45.68 39.03 -0.47
N SER E 209 -46.07 40.29 -0.30
CA SER E 209 -45.17 41.39 -0.58
C SER E 209 -45.44 42.55 0.39
N PHE E 210 -44.52 43.51 0.38
CA PHE E 210 -44.69 44.75 1.12
C PHE E 210 -43.87 45.83 0.43
N ASN E 211 -44.25 47.07 0.69
CA ASN E 211 -43.49 48.23 0.25
C ASN E 211 -42.69 48.77 1.43
N ARG E 212 -41.40 49.00 1.23
CA ARG E 212 -40.54 49.52 2.27
C ARG E 212 -41.03 50.89 2.73
N GLY E 213 -41.56 50.96 3.95
CA GLY E 213 -42.10 52.20 4.48
C GLY E 213 -43.53 52.07 4.96
N GLU E 214 -44.43 51.65 4.07
CA GLU E 214 -45.84 51.49 4.40
C GLU E 214 -46.05 50.49 5.54
C1 NAG F . -26.08 -15.40 -13.17
C2 NAG F . -24.93 -14.46 -13.58
C3 NAG F . -25.48 -13.15 -14.14
C4 NAG F . -26.54 -13.40 -15.20
C5 NAG F . -27.60 -14.38 -14.69
C6 NAG F . -28.57 -14.81 -15.76
C7 NAG F . -22.73 -14.46 -12.46
C8 NAG F . -22.00 -14.12 -11.20
N2 NAG F . -24.05 -14.20 -12.45
O3 NAG F . -24.41 -12.39 -14.70
O4 NAG F . -27.20 -12.17 -15.51
O5 NAG F . -26.95 -15.59 -14.26
O6 NAG F . -27.96 -15.76 -16.62
O7 NAG F . -22.18 -14.95 -13.43
C1 NAG F . -27.04 -11.83 -16.90
C2 NAG F . -28.30 -11.07 -17.33
C3 NAG F . -28.16 -10.59 -18.78
C4 NAG F . -26.87 -9.81 -18.97
C5 NAG F . -25.68 -10.64 -18.49
C6 NAG F . -24.37 -9.89 -18.57
C7 NAG F . -30.38 -11.72 -16.21
C8 NAG F . -31.54 -12.67 -16.21
N2 NAG F . -29.48 -11.90 -17.18
O3 NAG F . -29.28 -9.79 -19.12
O4 NAG F . -26.70 -9.47 -20.34
O5 NAG F . -25.88 -11.01 -17.12
O6 NAG F . -24.02 -9.33 -17.31
O7 NAG F . -30.27 -10.83 -15.38
C1 FUC F . -28.93 -16.55 -17.31
C2 FUC F . -28.71 -16.27 -18.78
C3 FUC F . -27.28 -16.66 -19.17
C4 FUC F . -27.00 -18.14 -18.79
C5 FUC F . -27.42 -18.41 -17.33
C6 FUC F . -27.42 -19.89 -16.96
O2 FUC F . -28.97 -14.92 -19.12
O3 FUC F . -27.07 -16.53 -20.57
O4 FUC F . -27.72 -19.00 -19.66
O5 FUC F . -28.75 -17.91 -17.04
C1 GOL G . -4.76 -19.31 -16.98
O1 GOL G . -5.45 -20.47 -17.36
C2 GOL G . -3.58 -19.14 -17.96
O2 GOL G . -3.82 -18.17 -18.91
C3 GOL G . -2.36 -18.79 -17.05
O3 GOL G . -1.29 -18.50 -17.90
CL CL H . -12.55 -38.39 -5.67
CL CL I . 3.06 -21.19 -5.89
CL CL J . 41.07 -14.00 -4.62
C1 GOL K . 26.83 -4.08 -15.29
O1 GOL K . 26.10 -3.16 -16.02
C2 GOL K . 25.93 -4.59 -14.13
O2 GOL K . 24.65 -4.88 -14.56
C3 GOL K . 26.67 -5.86 -13.60
O3 GOL K . 25.75 -6.58 -12.83
CL CL L . 18.59 9.36 4.18
O1 PG4 M . -2.61 -6.07 5.58
C1 PG4 M . -3.14 -4.81 5.19
C2 PG4 M . -2.76 -4.49 3.78
O2 PG4 M . -2.23 -3.17 3.71
C3 PG4 M . -1.37 -2.94 2.60
C4 PG4 M . -0.05 -3.64 2.82
O3 PG4 M . 1.01 -2.85 2.30
C5 PG4 M . 2.20 -3.28 2.96
C6 PG4 M . 2.45 -2.46 4.18
O4 PG4 M . 3.53 -3.00 4.92
C7 PG4 M . 3.08 -4.25 5.43
C8 PG4 M . 3.77 -4.55 6.73
O5 PG4 M . 3.08 -5.60 7.39
#